data_2RB7
#
_entry.id   2RB7
#
_cell.length_a   53.850
_cell.length_b   82.190
_cell.length_c   89.340
_cell.angle_alpha   90.000
_cell.angle_beta   91.370
_cell.angle_gamma   90.000
#
_symmetry.space_group_name_H-M   'P 1 21 1'
#
loop_
_entity.id
_entity.type
_entity.pdbx_description
1 polymer 'Peptidase, M20/M25/M40 family'
2 non-polymer 'TRIETHYLENE GLYCOL'
3 non-polymer DI(HYDROXYETHYL)ETHER
4 non-polymer 'TETRAETHYLENE GLYCOL'
5 water water
#
_entity_poly.entity_id   1
_entity_poly.type   'polypeptide(L)'
_entity_poly.pdbx_seq_one_letter_code
;G(MSE)SS(MSE)QHIVELTSDLIRFPS(MSE)HSRPEQISRCAGFI(MSE)DWCAQNGIHAER(MSE)DHDGIPSV
(MSE)VLPEKGRAGLLL(MSE)AHIDVVDAEDDLFVPRVENDRLYGRGANDDKYAVALGLV(MSE)FRDRLNALKAAGRS
QKD(MSE)ALGLLITGDEEIGG(MSE)NGAAKALPLIRADYVVALDGGNPQQVITKEKGIIDIKLTCTGKAAHGARPW
(MSE)GVNAVDLL(MSE)EDYTRLKTLFAEENEDHWHRTVNLGRIRAGESTNKVPDVAEGWFNIRVTEHDDPGALIDKIR
KTVSGTVSIVRTVPVFLAADSPYTERLLALSGATAGKAHGASDARYLGENGLTGVVWGAEGFNTLHSRDECLHIPSLQSI
YDPL(MSE)QLARE(MSE)EEHAAV
;
_entity_poly.pdbx_strand_id   A,B
#
# COMPACT_ATOMS: atom_id res chain seq x y z
N GLY A 1 -14.37 -37.60 -32.93
CA GLY A 1 -12.97 -37.80 -33.16
C GLY A 1 -12.19 -36.52 -33.15
N SER A 3 -10.66 -34.79 -35.46
CA SER A 3 -10.93 -33.77 -36.47
CA SER A 3 -10.94 -33.77 -36.46
C SER A 3 -12.14 -32.93 -36.06
N SER A 4 -13.15 -33.55 -35.43
CA SER A 4 -14.26 -32.79 -34.94
C SER A 4 -13.91 -31.90 -33.71
N GLN A 6 -11.03 -30.61 -33.31
CA GLN A 6 -10.14 -29.58 -33.83
C GLN A 6 -10.89 -28.26 -34.07
N HIS A 7 -12.19 -28.35 -34.38
CA HIS A 7 -13.02 -27.16 -34.56
C HIS A 7 -13.08 -26.36 -33.25
N ILE A 8 -13.11 -27.07 -32.12
CA ILE A 8 -13.14 -26.46 -30.81
C ILE A 8 -11.76 -25.87 -30.50
N VAL A 9 -10.70 -26.60 -30.82
CA VAL A 9 -9.33 -26.07 -30.63
C VAL A 9 -9.17 -24.72 -31.36
N GLU A 10 -9.60 -24.70 -32.63
CA GLU A 10 -9.46 -23.52 -33.46
C GLU A 10 -10.27 -22.34 -32.92
N LEU A 11 -11.53 -22.63 -32.55
CA LEU A 11 -12.36 -21.57 -32.04
C LEU A 11 -11.81 -21.05 -30.71
N THR A 12 -11.34 -21.95 -29.85
CA THR A 12 -10.79 -21.56 -28.56
C THR A 12 -9.58 -20.63 -28.80
N SER A 13 -8.77 -21.01 -29.76
CA SER A 13 -7.56 -20.26 -30.09
C SER A 13 -7.93 -18.83 -30.53
N ASP A 14 -8.94 -18.72 -31.38
CA ASP A 14 -9.44 -17.39 -31.81
C ASP A 14 -9.92 -16.57 -30.61
N LEU A 15 -10.69 -17.20 -29.71
CA LEU A 15 -11.15 -16.54 -28.49
C LEU A 15 -10.02 -16.08 -27.57
N ILE A 16 -8.98 -16.90 -27.44
CA ILE A 16 -7.82 -16.58 -26.61
C ILE A 16 -7.10 -15.27 -27.05
N ARG A 17 -7.14 -14.98 -28.34
CA ARG A 17 -6.46 -13.81 -28.92
C ARG A 17 -7.10 -12.47 -28.48
N PHE A 18 -8.33 -12.52 -27.95
CA PHE A 18 -8.93 -11.33 -27.31
C PHE A 18 -8.48 -11.25 -25.85
N PRO A 19 -7.67 -10.22 -25.50
CA PRO A 19 -7.24 -10.11 -24.08
C PRO A 19 -8.35 -9.52 -23.21
N SER A 20 -9.33 -10.38 -22.93
CA SER A 20 -10.58 -9.99 -22.39
C SER A 20 -10.52 -9.98 -20.82
N HIS A 22 -10.47 -7.55 -17.24
CA HIS A 22 -11.34 -6.48 -16.76
C HIS A 22 -10.81 -5.12 -16.95
N SER A 23 -9.50 -4.99 -17.06
CA SER A 23 -8.87 -3.70 -17.39
C SER A 23 -9.03 -3.32 -18.87
N ARG A 24 -9.52 -4.28 -19.67
CA ARG A 24 -9.79 -4.09 -21.09
C ARG A 24 -11.24 -4.40 -21.43
N PRO A 25 -12.17 -3.60 -20.89
CA PRO A 25 -13.61 -3.89 -21.15
C PRO A 25 -13.99 -3.95 -22.63
N GLU A 26 -13.27 -3.17 -23.44
CA GLU A 26 -13.51 -3.17 -24.89
C GLU A 26 -13.17 -4.55 -25.52
N GLN A 27 -12.22 -5.25 -24.91
CA GLN A 27 -11.87 -6.59 -25.41
C GLN A 27 -12.89 -7.63 -24.99
N ILE A 28 -13.42 -7.51 -23.79
CA ILE A 28 -14.56 -8.34 -23.35
C ILE A 28 -15.72 -8.16 -24.33
N SER A 29 -16.01 -6.91 -24.68
CA SER A 29 -17.13 -6.62 -25.56
C SER A 29 -16.88 -7.17 -26.96
N ARG A 30 -15.66 -6.92 -27.47
CA ARG A 30 -15.27 -7.37 -28.79
C ARG A 30 -15.30 -8.90 -28.91
N CYS A 31 -14.91 -9.60 -27.87
CA CYS A 31 -14.89 -11.04 -27.86
C CYS A 31 -16.36 -11.54 -27.90
N ALA A 32 -17.25 -10.94 -27.13
CA ALA A 32 -18.68 -11.26 -27.19
C ALA A 32 -19.21 -11.00 -28.62
N GLY A 33 -18.80 -9.88 -29.24
CA GLY A 33 -19.17 -9.54 -30.64
C GLY A 33 -18.71 -10.58 -31.63
N PHE A 34 -17.50 -11.09 -31.46
CA PHE A 34 -16.97 -12.18 -32.30
C PHE A 34 -17.92 -13.38 -32.21
N ILE A 35 -18.29 -13.74 -30.97
CA ILE A 35 -19.21 -14.86 -30.71
C ILE A 35 -20.57 -14.62 -31.42
N ASP A 37 -21.15 -12.77 -34.07
CA ASP A 37 -20.91 -12.94 -35.51
C ASP A 37 -20.75 -14.41 -35.91
N TRP A 38 -20.06 -15.19 -35.09
CA TRP A 38 -19.88 -16.60 -35.32
C TRP A 38 -21.23 -17.32 -35.31
N CYS A 39 -22.08 -17.02 -34.35
CA CYS A 39 -23.43 -17.58 -34.31
C CYS A 39 -24.20 -17.24 -35.60
N ALA A 40 -24.25 -15.99 -35.96
CA ALA A 40 -24.96 -15.57 -37.19
C ALA A 40 -24.43 -16.35 -38.43
N GLN A 41 -23.10 -16.42 -38.55
CA GLN A 41 -22.48 -17.12 -39.68
C GLN A 41 -22.78 -18.58 -39.75
N ASN A 42 -23.07 -19.18 -38.61
CA ASN A 42 -23.42 -20.58 -38.47
C ASN A 42 -24.91 -20.86 -38.38
N GLY A 43 -25.73 -19.86 -38.68
CA GLY A 43 -27.18 -20.00 -38.70
C GLY A 43 -27.81 -20.24 -37.34
N ILE A 44 -27.14 -19.73 -36.31
CA ILE A 44 -27.63 -19.83 -34.93
C ILE A 44 -28.20 -18.47 -34.49
N HIS A 45 -29.41 -18.49 -33.94
CA HIS A 45 -30.00 -17.32 -33.34
C HIS A 45 -29.46 -17.18 -31.92
N ALA A 46 -28.84 -16.03 -31.67
CA ALA A 46 -28.23 -15.68 -30.39
C ALA A 46 -28.72 -14.28 -29.99
N GLU A 47 -28.67 -14.01 -28.69
CA GLU A 47 -29.08 -12.75 -28.09
CA GLU A 47 -29.02 -12.74 -28.16
C GLU A 47 -27.99 -12.27 -27.16
N ARG A 48 -27.74 -10.95 -27.18
CA ARG A 48 -26.79 -10.36 -26.26
C ARG A 48 -27.47 -9.29 -25.42
N ASP A 50 -26.22 -6.49 -22.02
CA ASP A 50 -25.05 -6.02 -21.25
C ASP A 50 -25.56 -5.30 -20.00
N HIS A 51 -24.76 -5.42 -18.94
CA HIS A 51 -24.98 -4.70 -17.70
C HIS A 51 -23.65 -4.16 -17.25
N ASP A 52 -23.58 -2.82 -17.14
CA ASP A 52 -22.35 -2.14 -16.73
CA ASP A 52 -22.36 -2.11 -16.77
C ASP A 52 -21.12 -2.70 -17.46
N GLY A 53 -21.22 -2.86 -18.76
CA GLY A 53 -20.11 -3.29 -19.57
C GLY A 53 -19.86 -4.76 -19.58
N ILE A 54 -20.71 -5.53 -18.91
CA ILE A 54 -20.56 -7.00 -18.89
C ILE A 54 -21.61 -7.65 -19.84
N PRO A 55 -21.11 -8.36 -20.88
CA PRO A 55 -22.02 -9.04 -21.78
C PRO A 55 -22.49 -10.38 -21.21
N SER A 56 -23.72 -10.74 -21.54
CA SER A 56 -24.26 -12.09 -21.43
C SER A 56 -24.79 -12.43 -22.84
N VAL A 57 -24.27 -13.51 -23.41
CA VAL A 57 -24.66 -14.03 -24.70
C VAL A 57 -25.41 -15.33 -24.45
N VAL A 59 -27.83 -18.40 -26.11
CA VAL A 59 -28.11 -19.17 -27.31
C VAL A 59 -29.04 -20.25 -26.84
N LEU A 60 -30.32 -20.08 -27.09
CA LEU A 60 -31.37 -20.89 -26.49
C LEU A 60 -32.28 -21.48 -27.56
N PRO A 61 -32.93 -22.60 -27.26
CA PRO A 61 -33.96 -23.12 -28.17
C PRO A 61 -35.06 -22.12 -28.40
N GLU A 62 -35.50 -21.47 -27.31
CA GLU A 62 -36.52 -20.43 -27.39
C GLU A 62 -36.28 -19.41 -26.29
N LYS A 63 -36.96 -18.27 -26.39
CA LYS A 63 -36.82 -17.21 -25.42
C LYS A 63 -37.03 -17.74 -24.00
N GLY A 64 -36.07 -17.49 -23.12
CA GLY A 64 -36.22 -17.75 -21.73
C GLY A 64 -36.13 -19.20 -21.31
N ARG A 65 -35.75 -20.10 -22.21
CA ARG A 65 -35.79 -21.54 -21.85
C ARG A 65 -34.67 -22.37 -22.50
N ALA A 66 -34.18 -23.35 -21.75
CA ALA A 66 -33.35 -24.42 -22.33
C ALA A 66 -33.63 -25.69 -21.55
N GLY A 67 -33.26 -26.83 -22.12
CA GLY A 67 -33.26 -28.11 -21.44
C GLY A 67 -31.98 -28.27 -20.63
N LEU A 68 -30.84 -28.44 -21.32
CA LEU A 68 -29.49 -28.50 -20.75
C LEU A 68 -28.81 -27.19 -21.06
N LEU A 69 -28.64 -26.36 -20.02
CA LEU A 69 -27.89 -25.08 -20.18
C LEU A 69 -26.44 -25.26 -19.79
N LEU A 70 -25.57 -24.88 -20.71
CA LEU A 70 -24.12 -24.86 -20.47
C LEU A 70 -23.75 -23.41 -20.20
N ALA A 72 -20.67 -20.69 -19.26
CA ALA A 72 -19.21 -20.53 -19.42
C ALA A 72 -18.91 -19.03 -19.46
N HIS A 73 -17.65 -18.62 -19.40
CA HIS A 73 -17.34 -17.20 -19.37
C HIS A 73 -16.17 -16.85 -20.25
N ILE A 74 -16.17 -15.65 -20.82
CA ILE A 74 -15.15 -15.14 -21.70
C ILE A 74 -14.17 -14.20 -21.03
N ASP A 75 -14.47 -13.69 -19.83
CA ASP A 75 -13.47 -12.91 -19.16
C ASP A 75 -12.35 -13.80 -18.65
N VAL A 76 -11.15 -13.22 -18.64
CA VAL A 76 -9.94 -13.90 -18.19
C VAL A 76 -9.19 -13.02 -17.17
N VAL A 77 -8.38 -13.66 -16.33
CA VAL A 77 -7.44 -12.92 -15.48
C VAL A 77 -6.24 -12.43 -16.27
N ASP A 78 -5.56 -11.45 -15.70
CA ASP A 78 -4.44 -10.81 -16.37
C ASP A 78 -3.34 -11.81 -16.76
N ALA A 79 -2.63 -11.49 -17.82
CA ALA A 79 -1.49 -12.25 -18.29
C ALA A 79 -0.56 -11.38 -19.05
N GLU A 80 0.68 -11.83 -19.17
CA GLU A 80 1.58 -11.18 -20.11
C GLU A 80 1.15 -11.42 -21.56
N ASP A 81 1.64 -10.56 -22.44
CA ASP A 81 1.21 -10.52 -23.83
C ASP A 81 1.33 -11.86 -24.54
N ASP A 82 2.38 -12.60 -24.21
CA ASP A 82 2.63 -13.87 -24.90
C ASP A 82 1.57 -14.93 -24.61
N LEU A 83 0.82 -14.75 -23.52
CA LEU A 83 -0.28 -15.66 -23.20
C LEU A 83 -1.54 -15.49 -24.05
N PHE A 84 -1.56 -14.44 -24.86
CA PHE A 84 -2.68 -14.16 -25.76
C PHE A 84 -2.39 -14.61 -27.18
N VAL A 85 -1.30 -15.34 -27.37
CA VAL A 85 -0.98 -15.96 -28.64
C VAL A 85 -1.09 -17.44 -28.42
N PRO A 86 -2.18 -18.02 -28.92
CA PRO A 86 -2.37 -19.44 -28.60
C PRO A 86 -1.41 -20.33 -29.35
N ARG A 87 -0.95 -21.41 -28.72
CA ARG A 87 -0.10 -22.37 -29.43
CA ARG A 87 -0.10 -22.36 -29.43
C ARG A 87 -0.40 -23.77 -28.97
N VAL A 88 -0.20 -24.74 -29.88
CA VAL A 88 -0.43 -26.13 -29.56
C VAL A 88 0.92 -26.81 -29.54
N GLU A 89 1.18 -27.52 -28.45
CA GLU A 89 2.24 -28.52 -28.44
C GLU A 89 1.96 -29.72 -27.53
N ASN A 90 2.40 -30.89 -27.97
CA ASN A 90 2.29 -32.11 -27.14
C ASN A 90 0.87 -32.32 -26.57
N ASP A 91 -0.10 -32.25 -27.47
CA ASP A 91 -1.48 -32.54 -27.14
C ASP A 91 -2.12 -31.48 -26.22
N ARG A 92 -1.44 -30.34 -26.07
CA ARG A 92 -1.92 -29.24 -25.22
CA ARG A 92 -1.90 -29.23 -25.20
C ARG A 92 -2.03 -27.92 -25.98
N LEU A 93 -3.09 -27.18 -25.66
CA LEU A 93 -3.33 -25.82 -26.16
C LEU A 93 -2.94 -24.87 -25.03
N TYR A 94 -2.00 -23.99 -25.31
CA TYR A 94 -1.50 -23.02 -24.34
C TYR A 94 -2.04 -21.64 -24.59
N GLY A 95 -2.40 -20.96 -23.50
CA GLY A 95 -2.71 -19.52 -23.51
C GLY A 95 -3.65 -19.19 -22.38
N ARG A 96 -3.76 -17.90 -22.09
CA ARG A 96 -4.70 -17.44 -21.11
C ARG A 96 -6.12 -17.69 -21.63
N GLY A 97 -6.88 -18.43 -20.84
CA GLY A 97 -8.24 -18.81 -21.20
C GLY A 97 -8.39 -20.21 -21.87
N ALA A 98 -7.26 -20.87 -22.11
CA ALA A 98 -7.21 -22.22 -22.62
C ALA A 98 -8.02 -23.15 -21.74
N ASN A 99 -7.88 -23.04 -20.41
CA ASN A 99 -8.75 -23.83 -19.54
C ASN A 99 -9.72 -23.06 -18.67
N ASP A 100 -9.49 -21.76 -18.50
CA ASP A 100 -10.31 -20.93 -17.66
C ASP A 100 -10.59 -19.65 -18.45
N ASP A 101 -11.57 -19.68 -19.35
CA ASP A 101 -12.60 -20.70 -19.56
C ASP A 101 -13.07 -20.73 -21.05
N LYS A 102 -12.22 -20.24 -21.94
CA LYS A 102 -12.64 -20.07 -23.34
C LYS A 102 -12.81 -21.42 -24.07
N TYR A 103 -12.15 -22.49 -23.63
CA TYR A 103 -12.39 -23.78 -24.26
C TYR A 103 -13.89 -24.17 -24.12
N ALA A 104 -14.48 -23.83 -22.98
CA ALA A 104 -15.86 -24.22 -22.63
C ALA A 104 -16.82 -23.42 -23.49
N VAL A 105 -16.52 -22.12 -23.67
CA VAL A 105 -17.28 -21.29 -24.58
C VAL A 105 -17.29 -21.94 -25.96
N ALA A 106 -16.10 -22.26 -26.47
CA ALA A 106 -15.95 -22.84 -27.80
C ALA A 106 -16.67 -24.20 -27.88
N LEU A 107 -16.47 -25.00 -26.86
CA LEU A 107 -17.11 -26.35 -26.75
CA LEU A 107 -17.10 -26.35 -26.80
C LEU A 107 -18.64 -26.24 -26.86
N GLY A 108 -19.23 -25.35 -26.06
CA GLY A 108 -20.66 -25.14 -26.10
C GLY A 108 -21.15 -24.68 -27.49
N LEU A 109 -20.44 -23.73 -28.08
CA LEU A 109 -20.84 -23.16 -29.37
C LEU A 109 -20.76 -24.24 -30.45
N VAL A 110 -19.69 -25.02 -30.45
CA VAL A 110 -19.52 -26.12 -31.44
C VAL A 110 -20.58 -27.24 -31.20
N PHE A 112 -23.51 -26.77 -30.01
CA PHE A 112 -24.80 -26.20 -30.41
C PHE A 112 -24.94 -26.20 -31.95
N ARG A 113 -23.87 -25.75 -32.63
CA ARG A 113 -23.79 -25.76 -34.10
CA ARG A 113 -23.84 -25.74 -34.08
C ARG A 113 -23.94 -27.17 -34.65
N ASP A 114 -23.20 -28.10 -34.07
CA ASP A 114 -23.19 -29.47 -34.56
C ASP A 114 -24.60 -30.09 -34.45
N ARG A 115 -25.22 -29.96 -33.29
CA ARG A 115 -26.54 -30.59 -33.08
C ARG A 115 -27.59 -29.86 -33.89
N LEU A 116 -27.52 -28.53 -33.93
CA LEU A 116 -28.49 -27.75 -34.72
C LEU A 116 -28.46 -28.12 -36.18
N ASN A 117 -27.27 -28.19 -36.74
CA ASN A 117 -27.17 -28.61 -38.16
C ASN A 117 -27.77 -30.00 -38.43
N ALA A 118 -27.57 -30.93 -37.50
CA ALA A 118 -28.19 -32.25 -37.60
C ALA A 118 -29.71 -32.15 -37.54
N LEU A 119 -30.23 -31.30 -36.65
CA LEU A 119 -31.69 -31.07 -36.55
C LEU A 119 -32.21 -30.51 -37.85
N LYS A 120 -31.53 -29.50 -38.39
CA LYS A 120 -31.99 -28.86 -39.61
C LYS A 120 -31.97 -29.84 -40.76
N ALA A 121 -30.95 -30.71 -40.80
CA ALA A 121 -30.84 -31.71 -41.86
C ALA A 121 -32.02 -32.71 -41.79
N ALA A 122 -32.60 -32.86 -40.58
CA ALA A 122 -33.72 -33.74 -40.34
C ALA A 122 -35.04 -32.96 -40.32
N GLY A 123 -35.01 -31.72 -40.77
CA GLY A 123 -36.21 -30.91 -40.90
C GLY A 123 -36.71 -30.22 -39.64
N ARG A 124 -35.91 -30.26 -38.58
CA ARG A 124 -36.23 -29.60 -37.34
C ARG A 124 -35.51 -28.25 -37.27
N SER A 125 -35.74 -27.52 -36.18
CA SER A 125 -35.18 -26.18 -36.09
C SER A 125 -34.69 -25.90 -34.66
N GLN A 126 -34.24 -24.67 -34.45
CA GLN A 126 -33.64 -24.31 -33.17
C GLN A 126 -34.59 -24.50 -31.99
N LYS A 127 -35.87 -24.25 -32.23
CA LYS A 127 -36.88 -24.48 -31.17
C LYS A 127 -36.91 -25.94 -30.61
N ASP A 128 -36.44 -26.90 -31.41
CA ASP A 128 -36.42 -28.33 -31.06
C ASP A 128 -35.16 -28.75 -30.29
N ALA A 130 -32.52 -29.15 -27.26
CA ALA A 130 -32.51 -29.27 -25.78
C ALA A 130 -31.38 -28.40 -25.21
N LEU A 131 -30.26 -28.31 -25.95
CA LEU A 131 -29.10 -27.54 -25.51
CA LEU A 131 -29.10 -27.53 -25.51
C LEU A 131 -29.37 -26.03 -25.55
N GLY A 132 -28.85 -25.33 -24.55
CA GLY A 132 -28.76 -23.90 -24.57
C GLY A 132 -27.40 -23.50 -23.98
N LEU A 133 -27.00 -22.27 -24.28
CA LEU A 133 -25.73 -21.69 -23.85
C LEU A 133 -25.96 -20.36 -23.15
N LEU A 134 -25.22 -20.18 -22.05
CA LEU A 134 -25.09 -18.89 -21.38
C LEU A 134 -23.57 -18.56 -21.28
N ILE A 135 -23.16 -17.47 -21.93
CA ILE A 135 -21.75 -17.05 -22.02
C ILE A 135 -21.69 -15.65 -21.40
N THR A 136 -21.00 -15.56 -20.27
CA THR A 136 -20.94 -14.28 -19.56
C THR A 136 -19.53 -13.68 -19.50
N GLY A 137 -19.46 -12.39 -19.12
CA GLY A 137 -18.20 -11.64 -19.16
C GLY A 137 -17.66 -11.14 -17.83
N ASP A 138 -18.09 -11.71 -16.69
CA ASP A 138 -17.58 -11.29 -15.41
C ASP A 138 -17.46 -12.37 -14.33
N GLU A 139 -17.29 -13.64 -14.71
CA GLU A 139 -17.17 -14.71 -13.66
C GLU A 139 -15.97 -14.43 -12.75
N GLU A 140 -14.89 -13.89 -13.29
CA GLU A 140 -13.64 -13.74 -12.54
C GLU A 140 -13.75 -12.67 -11.46
N ILE A 141 -14.73 -11.78 -11.58
CA ILE A 141 -14.98 -10.73 -10.56
C ILE A 141 -16.27 -10.91 -9.78
N GLY A 142 -16.81 -12.11 -9.88
CA GLY A 142 -17.97 -12.55 -9.12
C GLY A 142 -19.36 -12.65 -9.71
N GLY A 143 -19.51 -12.29 -10.99
CA GLY A 143 -20.70 -12.60 -11.74
C GLY A 143 -21.93 -11.74 -11.53
N ASN A 145 -22.93 -9.00 -12.62
CA ASN A 145 -23.50 -8.38 -13.82
C ASN A 145 -23.65 -9.34 -15.00
N GLY A 146 -23.29 -10.60 -14.81
CA GLY A 146 -23.37 -11.62 -15.85
C GLY A 146 -24.37 -12.68 -15.41
N ALA A 147 -23.86 -13.78 -14.88
CA ALA A 147 -24.70 -14.86 -14.47
C ALA A 147 -25.85 -14.41 -13.57
N ALA A 148 -25.56 -13.51 -12.61
CA ALA A 148 -26.59 -13.05 -11.67
C ALA A 148 -27.79 -12.43 -12.36
N LYS A 149 -27.55 -11.77 -13.50
CA LYS A 149 -28.56 -11.09 -14.31
C LYS A 149 -29.22 -11.98 -15.33
N ALA A 150 -28.49 -12.96 -15.87
CA ALA A 150 -29.00 -13.85 -16.94
C ALA A 150 -29.82 -15.01 -16.40
N LEU A 151 -29.32 -15.62 -15.31
CA LEU A 151 -30.00 -16.83 -14.79
C LEU A 151 -31.45 -16.63 -14.38
N PRO A 152 -31.81 -15.47 -13.80
CA PRO A 152 -33.24 -15.26 -13.54
C PRO A 152 -34.12 -15.25 -14.78
N LEU A 153 -33.54 -15.03 -15.95
CA LEU A 153 -34.30 -14.95 -17.22
C LEU A 153 -34.35 -16.28 -17.98
N ILE A 154 -33.75 -17.33 -17.44
CA ILE A 154 -33.67 -18.63 -18.16
C ILE A 154 -34.19 -19.76 -17.27
N ARG A 155 -35.25 -20.43 -17.72
CA ARG A 155 -35.67 -21.65 -17.08
C ARG A 155 -34.96 -22.82 -17.75
N ALA A 156 -34.21 -23.60 -16.98
CA ALA A 156 -33.49 -24.74 -17.53
C ALA A 156 -33.76 -25.99 -16.70
N ASP A 157 -33.81 -27.14 -17.34
CA ASP A 157 -33.99 -28.40 -16.59
C ASP A 157 -32.73 -28.80 -15.85
N TYR A 158 -31.58 -28.46 -16.42
CA TYR A 158 -30.32 -28.79 -15.81
C TYR A 158 -29.25 -27.85 -16.34
N VAL A 159 -28.36 -27.43 -15.45
CA VAL A 159 -27.27 -26.53 -15.80
C VAL A 159 -25.92 -27.16 -15.50
N VAL A 160 -25.00 -27.06 -16.47
CA VAL A 160 -23.62 -27.44 -16.27
C VAL A 160 -22.77 -26.18 -16.41
N ALA A 161 -22.21 -25.73 -15.30
CA ALA A 161 -21.25 -24.64 -15.29
C ALA A 161 -19.91 -25.28 -15.67
N LEU A 162 -19.49 -25.06 -16.93
CA LEU A 162 -18.31 -25.70 -17.52
C LEU A 162 -17.09 -24.87 -17.19
N ASP A 163 -16.75 -24.85 -15.90
CA ASP A 163 -15.72 -23.98 -15.36
C ASP A 163 -15.08 -24.56 -14.11
N GLY A 164 -14.90 -25.86 -14.07
CA GLY A 164 -14.23 -26.46 -12.91
C GLY A 164 -14.20 -27.97 -13.04
N GLY A 165 -13.83 -28.66 -11.98
CA GLY A 165 -13.73 -30.09 -12.05
C GLY A 165 -12.77 -30.52 -13.16
N ASN A 166 -12.96 -31.75 -13.59
CA ASN A 166 -12.16 -32.37 -14.62
C ASN A 166 -12.90 -33.56 -15.15
N PRO A 167 -12.40 -34.21 -16.22
CA PRO A 167 -13.24 -35.27 -16.80
C PRO A 167 -13.62 -36.44 -15.90
N GLN A 168 -12.85 -36.65 -14.84
CA GLN A 168 -13.18 -37.67 -13.88
C GLN A 168 -14.01 -37.23 -12.68
N GLN A 169 -14.29 -35.92 -12.54
CA GLN A 169 -14.96 -35.39 -11.36
C GLN A 169 -15.94 -34.30 -11.70
N VAL A 170 -17.23 -34.61 -11.55
CA VAL A 170 -18.31 -33.63 -11.58
C VAL A 170 -18.43 -33.03 -10.20
N ILE A 171 -18.33 -31.71 -10.13
CA ILE A 171 -18.24 -31.02 -8.87
C ILE A 171 -19.66 -30.64 -8.37
N THR A 172 -20.01 -31.21 -7.20
CA THR A 172 -21.34 -31.01 -6.60
C THR A 172 -21.33 -30.14 -5.32
N LYS A 173 -20.15 -29.64 -4.96
CA LYS A 173 -19.95 -28.83 -3.76
C LYS A 173 -18.72 -27.95 -3.95
N GLU A 174 -18.87 -26.67 -3.62
CA GLU A 174 -17.75 -25.71 -3.70
C GLU A 174 -17.79 -24.88 -2.41
N LYS A 175 -16.63 -24.61 -1.82
CA LYS A 175 -16.53 -23.71 -0.67
C LYS A 175 -17.12 -22.33 -0.99
N GLY A 176 -17.66 -21.70 0.06
CA GLY A 176 -18.00 -20.30 0.00
C GLY A 176 -16.78 -19.41 0.29
N ILE A 177 -16.99 -18.10 0.18
CA ILE A 177 -15.95 -17.09 0.34
C ILE A 177 -16.49 -15.97 1.24
N ILE A 178 -15.62 -15.48 2.13
CA ILE A 178 -15.82 -14.22 2.86
C ILE A 178 -14.54 -13.43 2.64
N ASP A 179 -14.66 -12.26 2.03
CA ASP A 179 -13.49 -11.38 1.81
C ASP A 179 -13.68 -10.19 2.79
N ILE A 180 -12.67 -9.94 3.60
CA ILE A 180 -12.75 -8.89 4.65
C ILE A 180 -11.54 -7.99 4.53
N LYS A 181 -11.73 -6.78 5.06
CA LYS A 181 -10.63 -5.81 5.28
C LYS A 181 -10.59 -5.60 6.81
N LEU A 182 -9.41 -5.71 7.39
CA LEU A 182 -9.16 -5.44 8.80
C LEU A 182 -8.36 -4.15 8.86
N THR A 183 -8.86 -3.17 9.61
CA THR A 183 -8.20 -1.91 9.86
C THR A 183 -7.87 -1.76 11.33
N CYS A 184 -6.57 -1.56 11.60
CA CYS A 184 -6.05 -1.29 12.95
C CYS A 184 -5.50 0.12 13.03
N THR A 185 -5.85 0.80 14.13
CA THR A 185 -5.50 2.20 14.39
C THR A 185 -4.64 2.24 15.61
N GLY A 186 -3.44 2.84 15.45
CA GLY A 186 -2.52 3.00 16.56
C GLY A 186 -2.41 4.47 16.89
N LYS A 187 -1.18 4.93 17.14
CA LYS A 187 -0.93 6.33 17.50
C LYS A 187 0.33 6.82 16.86
N ALA A 188 0.23 7.87 16.05
CA ALA A 188 1.39 8.41 15.35
C ALA A 188 2.44 8.95 16.30
N ALA A 189 3.67 8.87 15.83
CA ALA A 189 4.81 9.46 16.54
C ALA A 189 5.93 9.55 15.53
N HIS A 190 6.96 10.31 15.88
CA HIS A 190 8.17 10.44 15.06
C HIS A 190 9.06 9.23 15.26
N GLY A 191 9.71 8.78 14.18
CA GLY A 191 10.51 7.57 14.25
C GLY A 191 11.74 7.70 15.11
N ALA A 192 12.11 8.93 15.45
CA ALA A 192 13.21 9.22 16.39
C ALA A 192 12.79 8.92 17.83
N ARG A 193 11.48 8.90 18.11
CA ARG A 193 10.96 8.68 19.47
C ARG A 193 9.81 7.71 19.38
N PRO A 194 10.10 6.48 18.86
CA PRO A 194 8.99 5.59 18.59
C PRO A 194 8.21 5.13 19.80
N TRP A 195 8.82 5.16 20.99
CA TRP A 195 8.15 4.81 22.25
C TRP A 195 6.93 5.71 22.55
N GLY A 197 4.63 6.37 20.34
CA GLY A 197 3.53 5.99 19.48
C GLY A 197 3.09 4.58 19.77
N VAL A 198 2.06 4.16 19.03
CA VAL A 198 1.62 2.79 18.99
C VAL A 198 1.56 2.36 17.51
N ASN A 199 2.41 1.41 17.19
CA ASN A 199 2.59 0.96 15.79
C ASN A 199 1.38 0.13 15.33
N ALA A 200 0.64 0.65 14.33
CA ALA A 200 -0.57 -0.01 13.88
C ALA A 200 -0.22 -1.31 13.13
N VAL A 201 0.96 -1.38 12.53
CA VAL A 201 1.42 -2.66 11.93
C VAL A 201 1.56 -3.77 12.99
N ASP A 202 2.15 -3.46 14.15
CA ASP A 202 2.24 -4.44 15.24
CA ASP A 202 2.24 -4.43 15.24
C ASP A 202 0.84 -4.86 15.66
N LEU A 203 -0.06 -3.90 15.77
CA LEU A 203 -1.48 -4.20 16.09
C LEU A 203 -2.12 -5.17 15.08
N LEU A 204 -1.91 -4.91 13.80
CA LEU A 204 -2.46 -5.76 12.74
C LEU A 204 -1.85 -7.15 12.79
N GLU A 206 -0.64 -8.69 15.41
CA GLU A 206 -1.19 -9.31 16.57
C GLU A 206 -2.63 -9.81 16.29
N ASP A 207 -3.43 -9.02 15.57
CA ASP A 207 -4.78 -9.46 15.21
C ASP A 207 -4.76 -10.63 14.24
N TYR A 208 -3.81 -10.63 13.33
CA TYR A 208 -3.66 -11.75 12.38
C TYR A 208 -3.31 -13.03 13.13
N THR A 209 -2.39 -12.92 14.11
CA THR A 209 -2.07 -14.05 14.97
C THR A 209 -3.34 -14.58 15.66
N ARG A 210 -4.14 -13.66 16.21
CA ARG A 210 -5.47 -14.02 16.79
C ARG A 210 -6.37 -14.70 15.78
N LEU A 211 -6.49 -14.09 14.60
CA LEU A 211 -7.37 -14.59 13.54
C LEU A 211 -7.04 -16.03 13.19
N LYS A 212 -5.75 -16.35 13.07
CA LYS A 212 -5.34 -17.73 12.77
C LYS A 212 -5.90 -18.77 13.72
N THR A 213 -6.09 -18.40 15.00
CA THR A 213 -6.54 -19.39 16.00
C THR A 213 -7.98 -19.77 15.76
N LEU A 214 -8.69 -19.01 14.91
CA LEU A 214 -10.06 -19.35 14.52
C LEU A 214 -10.15 -20.29 13.27
N PHE A 215 -8.98 -20.62 12.71
CA PHE A 215 -8.82 -21.46 11.55
C PHE A 215 -7.83 -22.59 11.88
N ALA A 216 -8.08 -23.28 12.98
CA ALA A 216 -7.20 -24.30 13.51
C ALA A 216 -7.59 -25.72 13.17
N GLU A 217 -8.78 -25.90 12.62
CA GLU A 217 -9.24 -27.22 12.23
C GLU A 217 -8.41 -27.76 11.07
N GLU A 218 -8.09 -29.05 11.11
CA GLU A 218 -7.27 -29.68 10.11
C GLU A 218 -7.88 -31.02 9.76
N ASN A 219 -7.68 -31.40 8.51
CA ASN A 219 -8.00 -32.75 8.09
C ASN A 219 -7.26 -33.00 6.75
N GLU A 220 -7.29 -34.25 6.32
CA GLU A 220 -6.36 -34.66 5.28
CA GLU A 220 -6.41 -34.73 5.28
C GLU A 220 -6.73 -34.15 3.90
N ASP A 221 -8.03 -33.92 3.64
CA ASP A 221 -8.38 -33.31 2.35
CA ASP A 221 -8.64 -33.34 2.43
C ASP A 221 -8.60 -31.81 2.42
N HIS A 222 -8.16 -31.19 3.52
CA HIS A 222 -8.31 -29.77 3.71
C HIS A 222 -9.76 -29.27 3.51
N TRP A 223 -10.74 -30.11 3.82
CA TRP A 223 -12.14 -29.71 3.77
C TRP A 223 -12.55 -29.05 5.10
N HIS A 224 -12.14 -27.80 5.23
CA HIS A 224 -12.35 -27.02 6.42
C HIS A 224 -12.13 -25.57 6.01
N ARG A 225 -12.55 -24.67 6.88
CA ARG A 225 -12.40 -23.24 6.61
C ARG A 225 -10.89 -22.89 6.56
N THR A 226 -10.57 -21.89 5.77
CA THR A 226 -9.19 -21.40 5.68
C THR A 226 -9.18 -19.86 5.65
N VAL A 227 -8.00 -19.30 5.88
CA VAL A 227 -7.86 -17.85 5.86
C VAL A 227 -6.52 -17.57 5.17
N ASN A 228 -6.55 -16.59 4.30
CA ASN A 228 -5.37 -16.13 3.55
C ASN A 228 -5.21 -14.62 3.66
N LEU A 229 -4.10 -14.17 4.24
CA LEU A 229 -3.78 -12.72 4.22
C LEU A 229 -3.21 -12.43 2.84
N GLY A 230 -4.02 -11.82 1.98
CA GLY A 230 -3.67 -11.58 0.59
C GLY A 230 -2.93 -10.27 0.36
N ARG A 231 -3.19 -9.23 1.17
CA ARG A 231 -2.61 -7.92 0.92
C ARG A 231 -2.49 -7.18 2.26
N ILE A 232 -1.39 -6.44 2.45
CA ILE A 232 -1.20 -5.63 3.64
C ILE A 232 -0.61 -4.31 3.19
N ARG A 233 -1.04 -3.24 3.85
CA ARG A 233 -0.60 -1.85 3.55
CA ARG A 233 -0.59 -1.89 3.55
CA ARG A 233 -0.61 -1.87 3.54
C ARG A 233 -0.57 -1.07 4.84
N ALA A 234 0.52 -0.40 5.10
CA ALA A 234 0.58 0.58 6.21
C ALA A 234 1.70 1.55 5.95
N GLY A 235 1.44 2.83 6.25
CA GLY A 235 2.53 3.84 6.22
C GLY A 235 2.75 4.50 4.86
N GLU A 236 3.31 5.70 4.91
CA GLU A 236 3.86 6.41 3.73
C GLU A 236 5.34 6.71 4.01
N SER A 237 5.61 7.50 5.05
CA SER A 237 6.98 7.80 5.51
C SER A 237 7.64 6.75 6.45
N THR A 238 8.78 6.22 6.04
CA THR A 238 9.62 5.32 6.87
C THR A 238 9.83 5.83 8.26
N ASN A 239 9.82 7.15 8.39
CA ASN A 239 10.23 7.78 9.63
C ASN A 239 9.12 8.23 10.56
N LYS A 240 7.92 7.72 10.37
CA LYS A 240 6.83 7.93 11.30
C LYS A 240 6.42 6.59 11.83
N VAL A 241 5.97 6.55 13.08
CA VAL A 241 5.19 5.39 13.57
C VAL A 241 3.82 5.38 12.86
N PRO A 242 3.51 4.31 12.09
CA PRO A 242 2.24 4.27 11.35
C PRO A 242 1.06 4.16 12.27
N ASP A 243 0.06 5.02 12.07
CA ASP A 243 -1.16 4.96 12.87
C ASP A 243 -2.36 4.25 12.27
N VAL A 244 -2.23 3.75 11.03
CA VAL A 244 -3.29 2.94 10.43
CA VAL A 244 -3.28 2.97 10.38
C VAL A 244 -2.60 1.86 9.61
N ALA A 245 -3.09 0.64 9.78
CA ALA A 245 -2.61 -0.53 9.04
C ALA A 245 -3.84 -1.33 8.56
N GLU A 246 -3.77 -1.80 7.31
CA GLU A 246 -4.89 -2.47 6.65
C GLU A 246 -4.40 -3.80 6.12
N GLY A 247 -5.23 -4.82 6.34
CA GLY A 247 -5.03 -6.11 5.73
C GLY A 247 -6.28 -6.63 5.10
N TRP A 248 -6.11 -7.32 3.96
CA TRP A 248 -7.24 -7.91 3.23
C TRP A 248 -7.09 -9.42 3.26
N PHE A 249 -8.16 -10.07 3.72
CA PHE A 249 -8.16 -11.54 3.95
C PHE A 249 -9.22 -12.23 3.12
N ASN A 250 -8.82 -13.35 2.51
CA ASN A 250 -9.70 -14.23 1.73
C ASN A 250 -9.92 -15.45 2.62
N ILE A 251 -11.16 -15.60 3.05
CA ILE A 251 -11.62 -16.71 3.89
C ILE A 251 -12.47 -17.64 3.06
N ARG A 252 -12.22 -18.93 3.18
CA ARG A 252 -13.09 -19.92 2.56
C ARG A 252 -13.81 -20.72 3.63
N VAL A 253 -15.08 -21.05 3.36
CA VAL A 253 -15.94 -21.73 4.30
C VAL A 253 -16.53 -23.00 3.68
N THR A 254 -16.67 -24.03 4.49
CA THR A 254 -17.40 -25.23 4.09
C THR A 254 -18.90 -25.03 4.42
N GLU A 255 -19.69 -26.02 4.06
CA GLU A 255 -21.11 -26.07 4.42
C GLU A 255 -21.37 -26.02 5.94
N HIS A 256 -20.35 -26.37 6.73
CA HIS A 256 -20.46 -26.45 8.19
C HIS A 256 -20.27 -25.12 8.89
N ASP A 257 -19.60 -24.18 8.21
CA ASP A 257 -19.22 -22.88 8.76
C ASP A 257 -20.18 -21.77 8.36
N ASP A 258 -21.09 -21.41 9.26
CA ASP A 258 -22.03 -20.36 8.94
C ASP A 258 -21.26 -19.03 8.79
N PRO A 259 -21.47 -18.34 7.68
CA PRO A 259 -20.69 -17.12 7.43
C PRO A 259 -21.01 -15.98 8.42
N GLY A 260 -22.29 -15.85 8.83
CA GLY A 260 -22.66 -14.80 9.76
C GLY A 260 -22.03 -15.06 11.12
N ALA A 261 -22.08 -16.31 11.58
CA ALA A 261 -21.44 -16.66 12.86
C ALA A 261 -19.93 -16.45 12.82
N LEU A 262 -19.32 -16.82 11.70
CA LEU A 262 -17.86 -16.68 11.62
C LEU A 262 -17.47 -15.21 11.59
N ILE A 263 -18.18 -14.41 10.80
CA ILE A 263 -17.91 -12.97 10.75
C ILE A 263 -18.04 -12.35 12.17
N ASP A 264 -19.14 -12.67 12.86
CA ASP A 264 -19.36 -12.18 14.21
C ASP A 264 -18.16 -12.60 15.14
N LYS A 265 -17.74 -13.86 15.03
CA LYS A 265 -16.66 -14.38 15.87
CA LYS A 265 -16.66 -14.39 15.87
C LYS A 265 -15.33 -13.67 15.56
N ILE A 266 -15.07 -13.46 14.27
CA ILE A 266 -13.90 -12.72 13.86
C ILE A 266 -13.88 -11.30 14.50
N ARG A 267 -14.99 -10.59 14.33
CA ARG A 267 -15.13 -9.25 14.89
C ARG A 267 -14.92 -9.22 16.38
N LYS A 268 -15.44 -10.23 17.08
CA LYS A 268 -15.24 -10.31 18.51
C LYS A 268 -13.76 -10.55 18.88
N THR A 269 -13.07 -11.33 18.09
CA THR A 269 -11.73 -11.83 18.42
C THR A 269 -10.64 -10.80 18.16
N VAL A 270 -10.76 -10.04 17.08
CA VAL A 270 -9.73 -9.05 16.70
C VAL A 270 -10.04 -7.68 17.31
N SER A 271 -8.99 -6.93 17.54
CA SER A 271 -9.07 -5.57 18.12
CA SER A 271 -9.16 -5.60 18.13
C SER A 271 -9.47 -4.54 17.08
N GLY A 272 -9.09 -4.78 15.83
CA GLY A 272 -9.32 -3.84 14.74
C GLY A 272 -10.73 -3.90 14.19
N THR A 273 -11.02 -3.10 13.20
CA THR A 273 -12.38 -2.99 12.63
C THR A 273 -12.42 -3.85 11.38
N VAL A 274 -13.45 -4.64 11.25
CA VAL A 274 -13.56 -5.58 10.14
C VAL A 274 -14.70 -5.11 9.26
N SER A 275 -14.37 -4.92 7.98
CA SER A 275 -15.40 -4.62 7.01
CA SER A 275 -15.33 -4.55 6.95
CA SER A 275 -15.31 -4.55 6.94
C SER A 275 -15.46 -5.74 5.99
N ILE A 276 -16.70 -6.07 5.62
CA ILE A 276 -16.93 -7.15 4.63
C ILE A 276 -16.86 -6.58 3.25
N VAL A 277 -15.91 -7.05 2.45
CA VAL A 277 -15.80 -6.71 1.03
C VAL A 277 -16.84 -7.42 0.20
N ARG A 278 -16.93 -8.73 0.41
CA ARG A 278 -18.01 -9.54 -0.19
C ARG A 278 -18.13 -10.88 0.47
N THR A 279 -19.28 -11.50 0.22
CA THR A 279 -19.48 -12.90 0.56
C THR A 279 -20.02 -13.67 -0.64
N VAL A 280 -19.66 -14.94 -0.69
CA VAL A 280 -20.16 -15.86 -1.70
C VAL A 280 -20.57 -17.12 -0.99
N PRO A 281 -21.83 -17.56 -1.18
CA PRO A 281 -22.28 -18.76 -0.47
C PRO A 281 -21.66 -20.05 -0.99
N VAL A 282 -21.58 -21.03 -0.10
CA VAL A 282 -21.25 -22.39 -0.47
C VAL A 282 -22.20 -22.85 -1.56
N PHE A 283 -21.66 -23.57 -2.53
CA PHE A 283 -22.48 -24.18 -3.55
C PHE A 283 -22.69 -25.65 -3.18
N LEU A 284 -23.95 -26.06 -3.09
CA LEU A 284 -24.33 -27.44 -2.85
C LEU A 284 -25.32 -27.82 -3.94
N ALA A 285 -24.94 -28.78 -4.78
CA ALA A 285 -25.79 -29.19 -5.89
C ALA A 285 -27.02 -29.90 -5.37
N ALA A 286 -28.16 -29.58 -6.00
CA ALA A 286 -29.40 -30.34 -5.72
C ALA A 286 -29.28 -31.77 -6.28
N ASP A 287 -29.75 -32.79 -5.55
CA ASP A 287 -29.85 -34.18 -6.04
C ASP A 287 -30.66 -34.17 -7.34
N SER A 288 -30.27 -34.95 -8.33
CA SER A 288 -30.94 -34.88 -9.63
C SER A 288 -30.70 -36.16 -10.37
N PRO A 289 -31.76 -36.70 -11.01
CA PRO A 289 -31.49 -37.80 -11.96
C PRO A 289 -30.59 -37.40 -13.15
N TYR A 290 -30.52 -36.12 -13.49
CA TYR A 290 -29.64 -35.64 -14.54
C TYR A 290 -28.19 -35.84 -14.13
N THR A 291 -27.87 -35.54 -12.86
CA THR A 291 -26.51 -35.75 -12.36
C THR A 291 -26.17 -37.25 -12.38
N GLU A 292 -27.10 -38.08 -11.94
CA GLU A 292 -26.86 -39.51 -11.94
C GLU A 292 -26.61 -40.00 -13.37
N ARG A 293 -27.37 -39.50 -14.32
CA ARG A 293 -27.22 -39.88 -15.74
C ARG A 293 -25.87 -39.38 -16.29
N LEU A 294 -25.49 -38.15 -15.97
CA LEU A 294 -24.19 -37.60 -16.40
C LEU A 294 -23.01 -38.41 -15.90
N LEU A 295 -23.07 -38.81 -14.64
CA LEU A 295 -22.07 -39.69 -14.06
C LEU A 295 -21.96 -41.05 -14.82
N ALA A 296 -23.12 -41.64 -15.08
CA ALA A 296 -23.22 -42.92 -15.80
C ALA A 296 -22.62 -42.76 -17.23
N LEU A 297 -22.97 -41.66 -17.88
CA LEU A 297 -22.54 -41.42 -19.26
C LEU A 297 -21.04 -41.12 -19.33
N SER A 298 -20.53 -40.44 -18.32
CA SER A 298 -19.14 -39.95 -18.39
C SER A 298 -18.11 -40.87 -17.69
N GLY A 299 -18.57 -41.69 -16.78
CA GLY A 299 -17.72 -42.49 -15.90
C GLY A 299 -17.06 -41.67 -14.77
N ALA A 300 -17.46 -40.41 -14.65
CA ALA A 300 -17.01 -39.54 -13.56
C ALA A 300 -17.65 -39.88 -12.23
N THR A 301 -17.02 -39.39 -11.15
CA THR A 301 -17.57 -39.45 -9.83
C THR A 301 -17.84 -38.01 -9.37
N ALA A 302 -18.73 -37.91 -8.40
CA ALA A 302 -19.06 -36.63 -7.77
C ALA A 302 -17.88 -36.25 -6.87
N GLY A 303 -17.53 -34.98 -6.89
CA GLY A 303 -16.50 -34.45 -6.04
C GLY A 303 -16.82 -33.07 -5.50
N LYS A 304 -15.84 -32.57 -4.76
CA LYS A 304 -15.93 -31.24 -4.17
CA LYS A 304 -15.92 -31.24 -4.17
C LYS A 304 -14.69 -30.43 -4.51
N ALA A 305 -14.84 -29.13 -4.48
CA ALA A 305 -13.75 -28.25 -4.87
C ALA A 305 -13.61 -27.08 -3.94
N HIS A 306 -12.38 -26.58 -3.84
CA HIS A 306 -12.06 -25.50 -2.88
C HIS A 306 -12.43 -24.11 -3.40
N GLY A 307 -12.44 -23.91 -4.72
CA GLY A 307 -12.74 -22.62 -5.32
C GLY A 307 -14.22 -22.52 -5.65
N ALA A 308 -14.66 -21.31 -5.97
CA ALA A 308 -16.08 -21.04 -6.22
C ALA A 308 -16.24 -20.62 -7.66
N SER A 309 -17.47 -20.53 -8.08
CA SER A 309 -17.76 -20.24 -9.49
C SER A 309 -19.12 -19.58 -9.62
N ASP A 310 -19.58 -19.40 -10.87
CA ASP A 310 -20.92 -18.91 -11.09
C ASP A 310 -22.01 -19.89 -10.70
N ALA A 311 -21.63 -21.14 -10.37
CA ALA A 311 -22.63 -22.11 -9.88
C ALA A 311 -23.30 -21.62 -8.57
N ARG A 312 -22.66 -20.70 -7.89
CA ARG A 312 -23.25 -20.16 -6.68
CA ARG A 312 -23.17 -19.98 -6.73
C ARG A 312 -24.58 -19.43 -6.92
N TYR A 313 -24.92 -19.12 -8.17
CA TYR A 313 -26.16 -18.48 -8.52
C TYR A 313 -27.32 -19.43 -8.84
N LEU A 314 -27.05 -20.72 -8.95
CA LEU A 314 -28.10 -21.66 -9.33
C LEU A 314 -29.25 -21.73 -8.32
N GLY A 315 -28.91 -21.92 -7.05
CA GLY A 315 -29.91 -22.14 -5.99
C GLY A 315 -30.84 -20.96 -5.81
N GLU A 316 -30.31 -19.75 -5.80
CA GLU A 316 -31.17 -18.60 -5.63
C GLU A 316 -32.11 -18.40 -6.81
N ASN A 317 -31.80 -19.01 -7.96
CA ASN A 317 -32.71 -18.98 -9.12
C ASN A 317 -33.55 -20.24 -9.31
N GLY A 318 -33.52 -21.12 -8.31
CA GLY A 318 -34.31 -22.32 -8.36
C GLY A 318 -33.85 -23.29 -9.44
N LEU A 319 -32.56 -23.22 -9.81
CA LEU A 319 -32.03 -24.10 -10.84
C LEU A 319 -31.21 -25.24 -10.24
N THR A 320 -31.23 -26.38 -10.92
CA THR A 320 -30.47 -27.56 -10.54
C THR A 320 -29.28 -27.65 -11.51
N GLY A 321 -28.12 -27.89 -10.96
CA GLY A 321 -26.94 -28.08 -11.80
C GLY A 321 -25.68 -28.41 -11.03
N VAL A 322 -24.59 -28.53 -11.79
CA VAL A 322 -23.28 -28.97 -11.32
C VAL A 322 -22.19 -28.18 -12.03
N VAL A 323 -20.96 -28.36 -11.56
CA VAL A 323 -19.73 -27.82 -12.18
C VAL A 323 -19.00 -28.98 -12.83
N TRP A 324 -18.50 -28.78 -14.04
CA TRP A 324 -17.72 -29.81 -14.73
C TRP A 324 -16.81 -29.13 -15.75
N GLY A 325 -15.93 -29.89 -16.35
CA GLY A 325 -14.97 -29.34 -17.24
C GLY A 325 -13.93 -30.31 -17.73
N ALA A 326 -13.20 -29.81 -18.75
CA ALA A 326 -12.15 -30.57 -19.39
C ALA A 326 -10.88 -30.51 -18.52
N GLU A 327 -9.78 -31.05 -19.03
CA GLU A 327 -8.58 -31.17 -18.25
C GLU A 327 -7.62 -30.00 -18.46
N GLY A 328 -7.35 -29.27 -17.36
CA GLY A 328 -6.43 -28.13 -17.35
C GLY A 328 -5.24 -28.24 -16.44
N PHE A 329 -5.06 -29.41 -15.84
CA PHE A 329 -3.91 -29.66 -15.00
C PHE A 329 -3.74 -28.61 -13.89
N ASN A 330 -4.83 -28.03 -13.45
CA ASN A 330 -4.76 -26.95 -12.43
C ASN A 330 -3.82 -25.77 -12.77
N THR A 331 -3.74 -25.43 -14.04
CA THR A 331 -2.86 -24.33 -14.49
C THR A 331 -3.62 -23.00 -14.66
N LEU A 332 -4.90 -22.93 -14.27
CA LEU A 332 -5.61 -21.63 -14.32
C LEU A 332 -4.81 -20.58 -13.60
N HIS A 333 -4.93 -19.35 -14.11
CA HIS A 333 -4.41 -18.16 -13.51
C HIS A 333 -2.88 -18.18 -13.46
N SER A 334 -2.25 -19.03 -14.26
CA SER A 334 -0.80 -19.16 -14.28
C SER A 334 -0.19 -19.01 -15.66
N ARG A 335 1.13 -18.82 -15.72
CA ARG A 335 1.81 -18.62 -17.00
C ARG A 335 1.76 -19.91 -17.77
N ASP A 336 1.58 -21.03 -17.08
CA ASP A 336 1.54 -22.35 -17.70
C ASP A 336 0.17 -22.79 -18.21
N GLU A 337 -0.81 -21.88 -18.20
CA GLU A 337 -2.19 -22.27 -18.48
C GLU A 337 -2.31 -23.02 -19.79
N CYS A 338 -2.98 -24.16 -19.71
CA CYS A 338 -3.16 -25.05 -20.88
C CYS A 338 -4.36 -25.98 -20.69
N LEU A 339 -4.77 -26.55 -21.83
CA LEU A 339 -5.87 -27.48 -21.96
C LEU A 339 -5.28 -28.75 -22.61
N HIS A 340 -5.58 -29.92 -22.03
CA HIS A 340 -5.32 -31.17 -22.70
C HIS A 340 -6.33 -31.43 -23.76
N ILE A 341 -5.88 -31.30 -25.00
CA ILE A 341 -6.77 -31.39 -26.15
C ILE A 341 -7.59 -32.70 -26.19
N PRO A 342 -6.97 -33.86 -25.94
CA PRO A 342 -7.77 -35.09 -25.95
C PRO A 342 -8.92 -35.16 -24.95
N SER A 343 -8.91 -34.30 -23.92
CA SER A 343 -10.01 -34.29 -22.95
C SER A 343 -11.32 -33.70 -23.48
N LEU A 344 -11.27 -32.97 -24.60
CA LEU A 344 -12.48 -32.34 -25.11
C LEU A 344 -13.52 -33.39 -25.43
N GLN A 345 -13.10 -34.48 -26.06
CA GLN A 345 -14.08 -35.50 -26.49
C GLN A 345 -14.80 -36.11 -25.30
N SER A 346 -14.07 -36.21 -24.17
CA SER A 346 -14.59 -36.75 -22.92
CA SER A 346 -14.64 -36.79 -22.96
C SER A 346 -15.70 -35.91 -22.28
N ILE A 347 -15.76 -34.63 -22.64
CA ILE A 347 -16.80 -33.70 -22.19
C ILE A 347 -17.93 -33.61 -23.25
N TYR A 348 -17.53 -33.44 -24.50
CA TYR A 348 -18.45 -33.35 -25.66
C TYR A 348 -19.41 -34.56 -25.67
N ASP A 349 -18.88 -35.78 -25.58
CA ASP A 349 -19.71 -36.94 -25.84
C ASP A 349 -20.83 -37.12 -24.83
N PRO A 350 -20.50 -37.13 -23.50
CA PRO A 350 -21.59 -37.31 -22.51
C PRO A 350 -22.60 -36.16 -22.55
N LEU A 351 -22.15 -34.91 -22.72
CA LEU A 351 -23.10 -33.78 -22.72
C LEU A 351 -24.04 -33.84 -23.95
N GLN A 353 -24.91 -36.57 -25.55
CA GLN A 353 -25.84 -37.69 -25.32
C GLN A 353 -26.92 -37.30 -24.34
N LEU A 354 -26.53 -36.61 -23.25
CA LEU A 354 -27.51 -36.15 -22.27
C LEU A 354 -28.52 -35.24 -22.89
N ALA A 355 -28.04 -34.33 -23.72
CA ALA A 355 -28.93 -33.40 -24.42
C ALA A 355 -29.89 -34.13 -25.39
N ARG A 356 -29.37 -35.06 -26.17
CA ARG A 356 -30.22 -35.82 -27.08
C ARG A 356 -31.31 -36.59 -26.29
N GLU A 357 -30.93 -37.13 -25.14
CA GLU A 357 -31.89 -37.85 -24.29
C GLU A 357 -33.00 -36.93 -23.79
N GLU A 359 -34.09 -34.31 -25.63
CA GLU A 359 -34.98 -34.13 -26.79
C GLU A 359 -35.93 -35.33 -26.68
N GLU A 360 -35.39 -36.55 -26.93
CA GLU A 360 -35.84 -37.89 -26.50
C GLU A 360 -35.66 -38.95 -27.59
N GLY B 1 6.71 52.74 20.06
CA GLY B 1 7.43 51.64 19.37
C GLY B 1 7.26 50.29 20.05
N SER B 3 8.25 46.50 21.25
CA SER B 3 9.46 45.75 21.69
C SER B 3 9.86 44.66 20.71
N SER B 4 11.12 44.34 20.71
CA SER B 4 11.64 43.25 19.86
C SER B 4 10.93 41.91 20.20
N GLN B 6 7.84 41.46 21.31
CA GLN B 6 6.53 41.49 20.71
C GLN B 6 6.63 41.35 19.17
N HIS B 7 7.64 41.98 18.54
CA HIS B 7 7.88 41.85 17.10
CA HIS B 7 7.80 41.82 17.09
C HIS B 7 8.09 40.37 16.73
N ILE B 8 8.86 39.66 17.54
CA ILE B 8 9.12 38.26 17.27
C ILE B 8 7.88 37.39 17.32
N VAL B 9 7.01 37.62 18.31
CA VAL B 9 5.79 36.81 18.49
C VAL B 9 4.86 37.13 17.32
N GLU B 10 4.77 38.43 16.97
CA GLU B 10 3.91 38.85 15.85
C GLU B 10 4.35 38.23 14.52
N LEU B 11 5.66 38.27 14.29
CA LEU B 11 6.24 37.74 13.07
C LEU B 11 6.09 36.24 13.03
N THR B 12 6.33 35.58 14.17
CA THR B 12 6.18 34.13 14.26
C THR B 12 4.74 33.77 13.88
N SER B 13 3.80 34.56 14.39
CA SER B 13 2.35 34.31 14.18
C SER B 13 2.00 34.43 12.70
N ASP B 14 2.54 35.47 12.06
CA ASP B 14 2.41 35.67 10.59
C ASP B 14 2.95 34.46 9.84
N LEU B 15 4.15 34.01 10.20
CA LEU B 15 4.73 32.85 9.54
C LEU B 15 3.91 31.57 9.70
N ILE B 16 3.41 31.35 10.91
CA ILE B 16 2.52 30.19 11.23
C ILE B 16 1.33 30.08 10.26
N ARG B 17 0.80 31.22 9.86
CA ARG B 17 -0.38 31.28 9.00
C ARG B 17 -0.15 30.70 7.60
N PHE B 18 1.11 30.62 7.16
CA PHE B 18 1.43 29.86 5.94
C PHE B 18 1.50 28.37 6.27
N PRO B 19 0.57 27.55 5.72
CA PRO B 19 0.65 26.10 5.97
C PRO B 19 1.73 25.42 5.15
N SER B 20 2.96 25.72 5.48
CA SER B 20 4.14 25.33 4.73
C SER B 20 4.59 23.89 4.96
N HIS B 22 4.98 19.94 3.29
CA HIS B 22 5.52 19.51 2.00
C HIS B 22 4.52 19.14 0.93
N SER B 23 3.30 18.82 1.36
CA SER B 23 2.19 18.63 0.47
C SER B 23 1.65 19.97 -0.06
N ARG B 24 2.18 21.10 0.41
CA ARG B 24 1.76 22.43 -0.04
C ARG B 24 2.99 23.27 -0.38
N PRO B 25 3.75 22.82 -1.38
CA PRO B 25 5.01 23.49 -1.74
C PRO B 25 4.87 24.99 -2.05
N GLU B 26 3.71 25.40 -2.58
CA GLU B 26 3.53 26.82 -2.93
CA GLU B 26 3.44 26.80 -2.93
C GLU B 26 3.45 27.66 -1.66
N GLN B 27 3.07 27.03 -0.56
CA GLN B 27 3.01 27.72 0.73
C GLN B 27 4.39 27.91 1.36
N ILE B 28 5.26 26.93 1.16
CA ILE B 28 6.66 27.07 1.56
C ILE B 28 7.23 28.25 0.78
N SER B 29 6.96 28.31 -0.52
CA SER B 29 7.49 29.34 -1.38
C SER B 29 6.97 30.69 -0.99
N ARG B 30 5.67 30.78 -0.73
CA ARG B 30 5.05 32.05 -0.32
C ARG B 30 5.55 32.51 1.05
N CYS B 31 5.84 31.58 1.93
CA CYS B 31 6.36 31.93 3.24
C CYS B 31 7.78 32.52 3.09
N ALA B 32 8.60 31.90 2.25
CA ALA B 32 9.92 32.49 1.90
C ALA B 32 9.79 33.89 1.26
N GLY B 33 8.82 34.07 0.37
CA GLY B 33 8.58 35.39 -0.24
C GLY B 33 8.20 36.46 0.76
N PHE B 34 7.37 36.06 1.73
CA PHE B 34 7.01 36.95 2.83
C PHE B 34 8.23 37.41 3.63
N ILE B 35 9.14 36.46 3.89
CA ILE B 35 10.41 36.75 4.54
C ILE B 35 11.26 37.71 3.74
N ASP B 37 10.19 39.86 1.62
CA ASP B 37 9.53 41.18 1.74
C ASP B 37 9.74 41.87 3.10
N TRP B 38 9.78 41.06 4.17
CA TRP B 38 10.01 41.60 5.50
C TRP B 38 11.42 42.19 5.57
N CYS B 39 12.37 41.48 4.96
CA CYS B 39 13.74 41.97 4.94
C CYS B 39 13.77 43.30 4.18
N ALA B 40 13.18 43.29 2.98
CA ALA B 40 13.14 44.48 2.15
C ALA B 40 12.55 45.69 2.88
N GLN B 41 11.43 45.47 3.58
CA GLN B 41 10.77 46.62 4.22
CA GLN B 41 10.73 46.53 4.31
C GLN B 41 11.62 47.15 5.37
N ASN B 42 12.59 46.36 5.84
CA ASN B 42 13.49 46.74 6.91
C ASN B 42 14.88 47.16 6.45
N GLY B 43 15.08 47.31 5.15
CA GLY B 43 16.38 47.76 4.63
C GLY B 43 17.47 46.70 4.71
N ILE B 44 17.06 45.43 4.78
CA ILE B 44 17.98 44.31 4.93
C ILE B 44 18.13 43.67 3.57
N HIS B 45 19.36 43.53 3.10
CA HIS B 45 19.61 42.77 1.90
C HIS B 45 19.59 41.26 2.17
N ALA B 46 18.72 40.54 1.45
CA ALA B 46 18.60 39.10 1.60
C ALA B 46 18.67 38.53 0.18
N GLU B 47 19.06 37.27 0.08
CA GLU B 47 19.17 36.59 -1.23
C GLU B 47 18.39 35.25 -1.09
N ARG B 48 17.56 35.00 -2.10
CA ARG B 48 16.78 33.78 -2.15
C ARG B 48 17.33 32.86 -3.24
N ASP B 50 16.47 28.84 -4.94
CA ASP B 50 15.45 27.80 -5.02
C ASP B 50 16.07 26.64 -5.72
N HIS B 51 16.08 25.49 -5.06
CA HIS B 51 16.69 24.30 -5.62
C HIS B 51 15.64 23.19 -5.64
N ASP B 52 15.35 22.68 -6.83
CA ASP B 52 14.33 21.66 -7.04
CA ASP B 52 14.33 21.64 -7.02
C ASP B 52 13.07 22.02 -6.27
N GLY B 53 12.70 23.30 -6.33
CA GLY B 53 11.48 23.78 -5.70
C GLY B 53 11.50 24.15 -4.22
N ILE B 54 12.64 23.91 -3.55
CA ILE B 54 12.81 24.26 -2.13
C ILE B 54 13.52 25.60 -2.03
N PRO B 55 12.89 26.57 -1.35
CA PRO B 55 13.55 27.89 -1.19
C PRO B 55 14.47 27.90 0.00
N SER B 56 15.57 28.63 -0.10
CA SER B 56 16.34 29.05 1.06
C SER B 56 16.62 30.54 0.95
N VAL B 57 16.61 31.20 2.10
CA VAL B 57 16.90 32.63 2.20
C VAL B 57 18.17 32.80 3.01
N VAL B 59 20.60 35.68 4.77
CA VAL B 59 20.64 37.08 5.19
C VAL B 59 22.00 37.28 5.81
N LEU B 60 22.95 37.75 5.01
CA LEU B 60 24.38 37.68 5.38
C LEU B 60 25.02 39.07 5.42
N PRO B 61 26.11 39.22 6.20
CA PRO B 61 26.90 40.45 6.13
C PRO B 61 27.33 40.81 4.70
N GLU B 62 27.77 39.79 3.98
CA GLU B 62 28.05 39.89 2.58
C GLU B 62 27.87 38.53 1.94
N LYS B 63 27.62 38.52 0.64
CA LYS B 63 27.48 37.27 -0.04
C LYS B 63 28.62 36.29 0.35
N GLY B 64 28.25 35.06 0.69
CA GLY B 64 29.20 33.96 0.90
C GLY B 64 29.84 33.86 2.28
N ARG B 65 29.43 34.72 3.20
CA ARG B 65 30.15 34.76 4.48
C ARG B 65 29.27 35.22 5.63
N ALA B 66 29.54 34.66 6.80
CA ALA B 66 28.99 35.18 8.04
C ALA B 66 29.93 34.83 9.17
N GLY B 67 29.84 35.59 10.25
CA GLY B 67 30.52 35.21 11.49
C GLY B 67 29.76 34.15 12.25
N LEU B 68 28.64 34.57 12.84
CA LEU B 68 27.72 33.70 13.53
C LEU B 68 26.51 33.50 12.61
N LEU B 69 26.36 32.27 12.10
CA LEU B 69 25.24 31.90 11.26
C LEU B 69 24.17 31.19 12.10
N LEU B 70 22.97 31.74 12.10
CA LEU B 70 21.80 31.10 12.67
C LEU B 70 21.06 30.39 11.56
N ALA B 72 17.71 28.06 10.52
CA ALA B 72 16.35 27.71 10.91
C ALA B 72 15.58 27.32 9.66
N HIS B 73 14.38 26.79 9.83
CA HIS B 73 13.60 26.34 8.66
C HIS B 73 12.15 26.77 8.77
N ILE B 74 11.53 26.94 7.60
CA ILE B 74 10.12 27.37 7.48
C ILE B 74 9.13 26.26 7.15
N ASP B 75 9.64 25.10 6.70
CA ASP B 75 8.76 23.95 6.52
C ASP B 75 8.30 23.40 7.88
N VAL B 76 7.06 22.89 7.91
CA VAL B 76 6.44 22.33 9.08
C VAL B 76 5.88 20.96 8.78
N VAL B 77 5.75 20.15 9.83
CA VAL B 77 5.04 18.88 9.73
C VAL B 77 3.55 19.14 9.65
N ASP B 78 2.85 18.11 9.19
CA ASP B 78 1.44 18.21 8.96
C ASP B 78 0.70 18.57 10.24
N ALA B 79 -0.36 19.36 10.10
CA ALA B 79 -1.30 19.67 11.18
C ALA B 79 -2.69 19.82 10.61
N GLU B 80 -3.69 19.71 11.47
CA GLU B 80 -5.05 20.11 11.15
C GLU B 80 -5.12 21.63 11.01
N ASP B 81 -6.17 22.10 10.36
CA ASP B 81 -6.27 23.51 9.96
C ASP B 81 -6.22 24.48 11.14
N ASP B 82 -6.83 24.12 12.25
CA ASP B 82 -6.84 24.97 13.44
C ASP B 82 -5.45 25.34 13.98
N LEU B 83 -4.44 24.50 13.72
CA LEU B 83 -3.06 24.75 14.17
C LEU B 83 -2.33 25.78 13.30
N PHE B 84 -2.96 26.21 12.21
CA PHE B 84 -2.41 27.32 11.40
C PHE B 84 -3.05 28.64 11.74
N VAL B 85 -3.85 28.66 12.81
CA VAL B 85 -4.36 29.92 13.38
C VAL B 85 -3.64 30.16 14.71
N PRO B 86 -2.61 31.04 14.70
CA PRO B 86 -1.82 31.19 15.92
C PRO B 86 -2.66 31.82 17.01
N ARG B 87 -2.34 31.50 18.25
CA ARG B 87 -3.04 32.10 19.37
CA ARG B 87 -3.11 31.89 19.41
C ARG B 87 -2.13 32.10 20.58
N VAL B 88 -2.36 33.11 21.40
CA VAL B 88 -1.64 33.25 22.65
C VAL B 88 -2.56 32.91 23.80
N GLU B 89 -2.02 32.15 24.75
CA GLU B 89 -2.77 31.87 25.98
C GLU B 89 -1.75 32.02 27.10
N ASN B 90 -2.02 32.88 28.08
CA ASN B 90 -1.07 33.13 29.15
C ASN B 90 0.30 33.50 28.55
N ASP B 91 1.39 32.81 28.90
CA ASP B 91 2.70 33.13 28.31
C ASP B 91 3.15 32.19 27.19
N ARG B 92 2.20 31.59 26.51
CA ARG B 92 2.45 30.63 25.43
C ARG B 92 1.81 31.06 24.13
N LEU B 93 2.55 30.85 23.05
CA LEU B 93 2.08 30.96 21.67
C LEU B 93 1.88 29.54 21.12
N TYR B 94 0.69 29.29 20.64
CA TYR B 94 0.23 27.99 20.15
C TYR B 94 0.10 28.02 18.64
N GLY B 95 0.59 26.96 18.02
CA GLY B 95 0.39 26.75 16.59
C GLY B 95 1.45 25.85 16.00
N ARG B 96 1.16 25.29 14.81
CA ARG B 96 2.16 24.51 14.11
C ARG B 96 3.27 25.47 13.66
N GLY B 97 4.46 25.18 14.13
CA GLY B 97 5.62 26.01 13.85
C GLY B 97 5.99 26.99 14.96
N ALA B 98 5.21 27.02 16.02
CA ALA B 98 5.50 27.89 17.16
C ALA B 98 6.83 27.55 17.82
N ASN B 99 7.13 26.26 17.92
CA ASN B 99 8.45 25.82 18.36
C ASN B 99 9.33 25.06 17.37
N ASP B 100 8.72 24.63 16.28
CA ASP B 100 9.42 23.89 15.23
C ASP B 100 8.92 24.36 13.86
N ASP B 101 9.47 25.47 13.33
CA ASP B 101 10.66 26.16 13.82
C ASP B 101 10.57 27.66 13.51
N LYS B 102 9.33 28.15 13.35
CA LYS B 102 9.13 29.49 12.86
C LYS B 102 9.51 30.60 13.84
N TYR B 103 9.44 30.34 15.16
CA TYR B 103 9.87 31.30 16.13
C TYR B 103 11.37 31.61 15.87
N ALA B 104 12.14 30.60 15.47
CA ALA B 104 13.60 30.79 15.31
C ALA B 104 13.87 31.67 14.12
N VAL B 105 13.10 31.44 13.04
CA VAL B 105 13.15 32.30 11.86
C VAL B 105 12.87 33.76 12.25
N ALA B 106 11.76 33.97 12.97
CA ALA B 106 11.34 35.31 13.46
C ALA B 106 12.44 35.94 14.34
N LEU B 107 12.95 35.16 15.30
CA LEU B 107 13.96 35.64 16.23
C LEU B 107 15.21 36.09 15.49
N GLY B 108 15.68 35.26 14.54
CA GLY B 108 16.91 35.62 13.81
C GLY B 108 16.65 36.87 12.99
N LEU B 109 15.50 36.95 12.32
CA LEU B 109 15.17 38.12 11.52
C LEU B 109 15.14 39.44 12.34
N VAL B 110 14.48 39.42 13.48
CA VAL B 110 14.42 40.56 14.40
C VAL B 110 15.82 40.93 14.94
N PHE B 112 18.63 40.35 13.48
CA PHE B 112 19.40 40.96 12.36
C PHE B 112 19.01 42.43 12.13
N ARG B 113 17.72 42.67 12.06
CA ARG B 113 17.21 44.04 11.95
C ARG B 113 17.75 44.93 13.06
N ASP B 114 17.62 44.43 14.29
CA ASP B 114 17.96 45.24 15.46
C ASP B 114 19.42 45.62 15.39
N ARG B 115 20.30 44.65 15.18
CA ARG B 115 21.72 44.95 15.11
C ARG B 115 22.10 45.77 13.90
N LEU B 116 21.49 45.51 12.74
CA LEU B 116 21.79 46.32 11.54
C LEU B 116 21.42 47.78 11.77
N ASN B 117 20.28 47.99 12.39
CA ASN B 117 19.80 49.36 12.72
C ASN B 117 20.77 50.06 13.64
N ALA B 118 21.35 49.32 14.60
CA ALA B 118 22.34 49.88 15.49
C ALA B 118 23.61 50.23 14.75
N LEU B 119 24.05 49.36 13.84
CA LEU B 119 25.24 49.65 13.04
CA LEU B 119 25.23 49.64 13.00
C LEU B 119 25.01 50.87 12.12
N LYS B 120 23.88 50.92 11.46
CA LYS B 120 23.55 52.07 10.59
C LYS B 120 23.56 53.39 11.34
N ALA B 121 23.09 53.38 12.58
CA ALA B 121 23.06 54.58 13.40
C ALA B 121 24.48 55.03 13.68
N ALA B 122 25.41 54.09 13.74
CA ALA B 122 26.85 54.39 13.95
C ALA B 122 27.61 54.64 12.64
N GLY B 123 26.89 54.72 11.51
CA GLY B 123 27.51 54.99 10.22
C GLY B 123 28.11 53.76 9.59
N ARG B 124 27.79 52.61 10.15
CA ARG B 124 28.28 51.34 9.61
C ARG B 124 27.18 50.72 8.75
N SER B 125 27.47 49.57 8.14
CA SER B 125 26.60 48.98 7.17
C SER B 125 26.48 47.46 7.35
N GLN B 126 25.69 46.83 6.49
CA GLN B 126 25.43 45.40 6.62
C GLN B 126 26.72 44.56 6.50
N LYS B 127 27.68 45.02 5.70
CA LYS B 127 28.95 44.33 5.63
C LYS B 127 29.69 44.27 6.97
N ASP B 128 29.34 45.17 7.90
CA ASP B 128 29.97 45.15 9.22
C ASP B 128 29.36 44.15 10.23
N ALA B 130 28.40 40.67 11.99
CA ALA B 130 28.93 39.29 12.18
C ALA B 130 27.79 38.27 12.06
N LEU B 131 26.60 38.67 12.48
CA LEU B 131 25.43 37.79 12.43
C LEU B 131 24.96 37.59 10.97
N GLY B 132 24.57 36.36 10.65
CA GLY B 132 23.95 35.98 9.37
C GLY B 132 22.88 34.93 9.66
N LEU B 133 21.92 34.83 8.74
CA LEU B 133 20.83 33.87 8.82
C LEU B 133 20.81 33.00 7.57
N LEU B 134 20.52 31.70 7.79
CA LEU B 134 20.16 30.74 6.74
C LEU B 134 18.80 30.12 7.13
N ILE B 135 17.82 30.35 6.28
CA ILE B 135 16.45 29.91 6.49
C ILE B 135 16.10 29.02 5.34
N THR B 136 15.87 27.76 5.64
CA THR B 136 15.67 26.78 4.61
C THR B 136 14.26 26.19 4.61
N GLY B 137 13.91 25.54 3.49
CA GLY B 137 12.53 25.05 3.34
C GLY B 137 12.31 23.55 3.30
N ASP B 138 13.30 22.75 3.70
CA ASP B 138 13.10 21.30 3.67
C ASP B 138 13.78 20.51 4.81
N GLU B 139 13.97 21.14 5.94
CA GLU B 139 14.54 20.45 7.10
C GLU B 139 13.75 19.20 7.52
N GLU B 140 12.43 19.25 7.44
CA GLU B 140 11.62 18.17 7.96
C GLU B 140 11.76 16.91 7.11
N ILE B 141 12.26 17.05 5.87
CA ILE B 141 12.43 15.90 4.98
C ILE B 141 13.92 15.61 4.67
N GLY B 142 14.81 16.13 5.49
CA GLY B 142 16.22 15.79 5.45
C GLY B 142 17.19 16.79 4.86
N GLY B 143 16.67 17.92 4.35
CA GLY B 143 17.50 19.04 3.94
C GLY B 143 18.31 18.95 2.70
N ASN B 145 17.74 19.58 -0.41
CA ASN B 145 17.59 20.74 -1.33
C ASN B 145 17.66 22.12 -0.68
N GLY B 146 17.88 22.14 0.62
CA GLY B 146 17.91 23.35 1.44
C GLY B 146 19.28 23.52 2.04
N ALA B 147 19.45 23.13 3.32
CA ALA B 147 20.74 23.29 3.96
C ALA B 147 21.89 22.66 3.17
N ALA B 148 21.64 21.47 2.59
CA ALA B 148 22.69 20.77 1.85
C ALA B 148 23.26 21.59 0.69
N LYS B 149 22.37 22.39 0.08
CA LYS B 149 22.76 23.27 -1.05
C LYS B 149 23.25 24.65 -0.68
N ALA B 150 22.78 25.18 0.45
CA ALA B 150 23.08 26.54 0.86
C ALA B 150 24.40 26.58 1.65
N LEU B 151 24.61 25.61 2.55
CA LEU B 151 25.79 25.66 3.42
C LEU B 151 27.13 25.69 2.70
N PRO B 152 27.28 24.94 1.59
CA PRO B 152 28.53 25.04 0.81
C PRO B 152 28.83 26.45 0.28
N LEU B 153 27.83 27.31 0.28
CA LEU B 153 27.99 28.69 -0.22
C LEU B 153 28.44 29.68 0.85
N ILE B 154 28.48 29.25 2.11
CA ILE B 154 28.60 30.19 3.24
C ILE B 154 29.82 29.83 4.06
N ARG B 155 30.80 30.73 4.11
CA ARG B 155 31.93 30.56 5.01
C ARG B 155 31.49 31.15 6.34
N ALA B 156 31.25 30.33 7.35
CA ALA B 156 30.82 30.84 8.65
C ALA B 156 31.80 30.38 9.71
N ASP B 157 32.08 31.24 10.69
CA ASP B 157 32.96 30.90 11.81
C ASP B 157 32.29 29.99 12.81
N TYR B 158 30.98 30.13 12.93
CA TYR B 158 30.24 29.30 13.90
C TYR B 158 28.78 29.31 13.53
N VAL B 159 28.13 28.16 13.68
CA VAL B 159 26.75 27.97 13.27
C VAL B 159 25.91 27.48 14.44
N VAL B 160 24.77 28.13 14.69
CA VAL B 160 23.81 27.63 15.61
C VAL B 160 22.54 27.28 14.83
N ALA B 161 22.23 25.98 14.78
CA ALA B 161 20.99 25.47 14.18
C ALA B 161 19.92 25.62 15.25
N LEU B 162 19.07 26.63 15.11
CA LEU B 162 18.10 27.00 16.15
C LEU B 162 16.84 26.18 15.96
N ASP B 163 16.99 24.89 16.27
CA ASP B 163 15.97 23.91 15.98
C ASP B 163 16.05 22.71 16.92
N GLY B 164 16.41 22.92 18.16
CA GLY B 164 16.45 21.83 19.08
C GLY B 164 16.81 22.25 20.47
N GLY B 165 16.93 21.29 21.38
CA GLY B 165 17.24 21.65 22.75
C GLY B 165 16.26 22.58 23.45
N ASN B 166 16.78 23.33 24.39
CA ASN B 166 16.03 24.32 25.16
C ASN B 166 17.02 25.30 25.79
N PRO B 167 16.52 26.40 26.43
CA PRO B 167 17.45 27.39 26.92
C PRO B 167 18.56 26.89 27.87
N GLN B 168 18.34 25.74 28.50
CA GLN B 168 19.32 25.13 29.40
CA GLN B 168 19.32 25.15 29.41
C GLN B 168 20.19 24.07 28.77
N GLN B 169 19.87 23.69 27.54
CA GLN B 169 20.54 22.55 26.85
C GLN B 169 20.94 22.89 25.43
N VAL B 170 22.24 23.12 25.24
CA VAL B 170 22.83 23.24 23.92
C VAL B 170 23.12 21.84 23.45
N ILE B 171 22.55 21.45 22.32
CA ILE B 171 22.68 20.09 21.84
C ILE B 171 23.96 19.90 21.05
N THR B 172 24.81 18.99 21.55
CA THR B 172 26.08 18.70 20.91
C THR B 172 26.13 17.29 20.30
N LYS B 173 25.01 16.57 20.42
CA LYS B 173 24.93 15.19 19.92
CA LYS B 173 24.93 15.20 19.88
C LYS B 173 23.49 14.89 19.51
N GLU B 174 23.32 14.32 18.32
CA GLU B 174 22.02 13.85 17.86
C GLU B 174 22.20 12.48 17.26
N LYS B 175 21.21 11.61 17.46
CA LYS B 175 21.23 10.27 16.92
C LYS B 175 21.27 10.33 15.37
N GLY B 176 21.89 9.33 14.79
CA GLY B 176 21.90 9.11 13.37
C GLY B 176 20.77 8.19 12.93
N ILE B 177 20.71 7.95 11.63
CA ILE B 177 19.60 7.23 11.00
C ILE B 177 20.18 6.21 10.03
N ILE B 178 19.61 5.01 10.03
CA ILE B 178 19.78 4.03 8.93
C ILE B 178 18.38 3.60 8.55
N ASP B 179 17.98 3.89 7.31
CA ASP B 179 16.73 3.41 6.79
C ASP B 179 17.03 2.19 5.91
N ILE B 180 16.36 1.09 6.21
CA ILE B 180 16.54 -0.15 5.49
C ILE B 180 15.19 -0.64 4.92
N LYS B 181 15.30 -1.48 3.90
CA LYS B 181 14.16 -2.19 3.37
C LYS B 181 14.49 -3.67 3.47
N LEU B 182 13.59 -4.41 4.11
CA LEU B 182 13.69 -5.86 4.20
C LEU B 182 12.71 -6.47 3.20
N THR B 183 13.18 -7.42 2.39
CA THR B 183 12.36 -8.08 1.39
C THR B 183 12.38 -9.57 1.69
N CYS B 184 11.18 -10.13 1.92
CA CYS B 184 11.00 -11.55 2.20
C CYS B 184 10.21 -12.18 1.07
N THR B 185 10.68 -13.37 0.66
CA THR B 185 10.21 -14.05 -0.55
C THR B 185 9.63 -15.37 -0.13
N GLY B 186 8.35 -15.54 -0.41
CA GLY B 186 7.66 -16.75 -0.11
C GLY B 186 7.35 -17.49 -1.39
N LYS B 187 6.16 -18.08 -1.45
CA LYS B 187 5.72 -18.88 -2.60
C LYS B 187 4.25 -18.61 -2.85
N ALA B 188 3.96 -18.19 -4.07
CA ALA B 188 2.60 -17.92 -4.47
C ALA B 188 1.75 -19.17 -4.52
N ALA B 189 0.45 -18.98 -4.29
CA ALA B 189 -0.56 -19.98 -4.38
C ALA B 189 -1.93 -19.29 -4.48
N HIS B 190 -2.95 -20.04 -4.87
CA HIS B 190 -4.36 -19.59 -4.87
C HIS B 190 -4.84 -19.46 -3.43
N GLY B 191 -5.60 -18.42 -3.16
CA GLY B 191 -6.18 -18.24 -1.83
C GLY B 191 -7.19 -19.31 -1.43
N ALA B 192 -7.72 -20.07 -2.38
CA ALA B 192 -8.61 -21.17 -2.13
C ALA B 192 -7.82 -22.39 -1.60
N ARG B 193 -6.53 -22.43 -1.85
CA ARG B 193 -5.68 -23.55 -1.42
C ARG B 193 -4.41 -23.02 -0.82
N PRO B 194 -4.54 -22.18 0.24
CA PRO B 194 -3.37 -21.44 0.67
C PRO B 194 -2.27 -22.26 1.35
N TRP B 195 -2.59 -23.49 1.72
CA TRP B 195 -1.60 -24.43 2.27
C TRP B 195 -0.52 -24.79 1.21
N GLY B 197 1.02 -22.52 -0.61
CA GLY B 197 1.93 -21.40 -0.70
C GLY B 197 2.69 -21.19 0.60
N VAL B 198 3.54 -20.19 0.58
CA VAL B 198 4.24 -19.73 1.78
C VAL B 198 4.05 -18.21 1.79
N ASN B 199 3.30 -17.77 2.78
CA ASN B 199 2.92 -16.35 2.86
C ASN B 199 4.14 -15.49 3.25
N ALA B 200 4.52 -14.57 2.40
CA ALA B 200 5.73 -13.77 2.59
C ALA B 200 5.51 -12.77 3.78
N VAL B 201 4.26 -12.46 4.10
CA VAL B 201 4.00 -11.58 5.28
C VAL B 201 4.35 -12.32 6.57
N ASP B 202 3.98 -13.57 6.66
CA ASP B 202 4.36 -14.40 7.82
C ASP B 202 5.91 -14.46 7.92
N LEU B 203 6.60 -14.57 6.79
CA LEU B 203 8.07 -14.57 6.81
C LEU B 203 8.62 -13.26 7.34
N LEU B 204 8.06 -12.15 6.86
CA LEU B 204 8.49 -10.83 7.28
CA LEU B 204 8.48 -10.80 7.28
C LEU B 204 8.24 -10.63 8.77
N GLU B 206 8.35 -13.05 11.04
CA GLU B 206 9.37 -13.84 11.71
C GLU B 206 10.66 -13.05 11.73
N ASP B 207 10.96 -12.37 10.63
CA ASP B 207 12.20 -11.58 10.59
C ASP B 207 12.12 -10.37 11.51
N TYR B 208 10.94 -9.78 11.62
CA TYR B 208 10.70 -8.59 12.47
C TYR B 208 10.95 -8.95 13.93
N THR B 209 10.47 -10.11 14.33
CA THR B 209 10.78 -10.63 15.68
C THR B 209 12.29 -10.78 15.88
N ARG B 210 12.96 -11.37 14.90
CA ARG B 210 14.42 -11.52 14.97
C ARG B 210 15.07 -10.13 15.02
N LEU B 211 14.64 -9.22 14.15
CA LEU B 211 15.28 -7.92 14.11
C LEU B 211 15.16 -7.18 15.47
N LYS B 212 14.00 -7.31 16.12
CA LYS B 212 13.76 -6.66 17.40
C LYS B 212 14.74 -7.08 18.48
N THR B 213 15.27 -8.30 18.37
CA THR B 213 16.28 -8.80 19.33
C THR B 213 17.56 -8.00 19.33
N LEU B 214 17.84 -7.30 18.25
CA LEU B 214 19.01 -6.44 18.16
C LEU B 214 18.75 -5.05 18.74
N PHE B 215 17.54 -4.81 19.25
CA PHE B 215 17.10 -3.52 19.75
C PHE B 215 16.48 -3.77 21.14
N ALA B 216 17.19 -4.52 21.96
CA ALA B 216 16.66 -5.00 23.25
C ALA B 216 16.97 -4.05 24.39
N GLU B 217 17.98 -3.22 24.27
CA GLU B 217 18.31 -2.29 25.34
C GLU B 217 17.22 -1.26 25.60
N GLU B 218 17.00 -0.97 26.87
CA GLU B 218 16.17 0.14 27.24
C GLU B 218 16.73 0.86 28.48
N ASN B 219 16.43 2.14 28.57
CA ASN B 219 16.83 2.92 29.71
C ASN B 219 15.98 4.17 29.77
N GLU B 220 16.07 4.90 30.88
CA GLU B 220 15.11 5.98 31.18
C GLU B 220 15.15 7.08 30.13
N ASP B 221 16.36 7.40 29.65
CA ASP B 221 16.56 8.48 28.68
CA ASP B 221 16.58 8.47 28.67
C ASP B 221 16.46 7.99 27.23
N HIS B 222 16.13 6.71 27.06
CA HIS B 222 16.05 6.09 25.73
C HIS B 222 17.28 6.32 24.87
N TRP B 223 18.45 6.37 25.47
CA TRP B 223 19.65 6.71 24.75
C TRP B 223 20.31 5.37 24.36
N HIS B 224 19.86 4.84 23.24
CA HIS B 224 20.24 3.54 22.74
C HIS B 224 19.64 3.47 21.37
N ARG B 225 20.11 2.53 20.58
CA ARG B 225 19.54 2.37 19.23
C ARG B 225 18.08 1.95 19.32
N THR B 226 17.31 2.36 18.31
CA THR B 226 15.91 2.00 18.23
C THR B 226 15.56 1.62 16.76
N VAL B 227 14.42 0.93 16.63
CA VAL B 227 13.97 0.51 15.33
C VAL B 227 12.50 0.82 15.24
N ASN B 228 12.07 1.30 14.08
CA ASN B 228 10.65 1.60 13.83
C ASN B 228 10.22 1.05 12.48
N LEU B 229 9.22 0.17 12.46
CA LEU B 229 8.67 -0.35 11.18
C LEU B 229 7.71 0.73 10.69
N GLY B 230 8.19 1.49 9.70
CA GLY B 230 7.49 2.66 9.18
C GLY B 230 6.49 2.40 8.05
N ARG B 231 6.71 1.35 7.29
CA ARG B 231 5.91 1.09 6.09
C ARG B 231 5.99 -0.37 5.77
N ILE B 232 4.87 -0.94 5.30
CA ILE B 232 4.86 -2.34 4.91
C ILE B 232 3.99 -2.43 3.66
N ARG B 233 4.36 -3.36 2.78
CA ARG B 233 3.64 -3.61 1.54
CA ARG B 233 3.63 -3.61 1.58
C ARG B 233 3.79 -5.07 1.18
N ALA B 234 2.66 -5.73 0.91
CA ALA B 234 2.66 -7.03 0.32
C ALA B 234 1.36 -7.31 -0.39
N GLY B 235 1.46 -7.98 -1.54
CA GLY B 235 0.32 -8.45 -2.29
C GLY B 235 -0.42 -7.45 -3.15
N GLU B 236 -1.29 -8.00 -4.00
CA GLU B 236 -2.23 -7.18 -4.77
C GLU B 236 -3.61 -7.83 -4.66
N SER B 237 -3.78 -9.01 -5.23
CA SER B 237 -5.07 -9.73 -5.15
C SER B 237 -5.32 -10.37 -3.74
N THR B 238 -6.45 -10.07 -3.13
CA THR B 238 -6.91 -10.72 -1.89
C THR B 238 -6.86 -12.24 -1.95
N ASN B 239 -7.05 -12.81 -3.14
CA ASN B 239 -7.17 -14.25 -3.20
C ASN B 239 -5.93 -14.94 -3.76
N LYS B 240 -4.75 -14.32 -3.57
CA LYS B 240 -3.50 -15.01 -3.81
C LYS B 240 -2.68 -14.99 -2.53
N VAL B 241 -1.89 -16.03 -2.32
CA VAL B 241 -0.87 -16.01 -1.25
C VAL B 241 0.27 -15.13 -1.74
N PRO B 242 0.60 -14.06 -0.99
CA PRO B 242 1.66 -13.15 -1.48
C PRO B 242 3.04 -13.75 -1.40
N ASP B 243 3.80 -13.68 -2.50
CA ASP B 243 5.17 -14.23 -2.50
C ASP B 243 6.29 -13.24 -2.22
N VAL B 244 5.97 -11.94 -2.11
CA VAL B 244 6.92 -10.92 -1.74
C VAL B 244 6.29 -9.98 -0.71
N ALA B 245 7.01 -9.74 0.39
CA ALA B 245 6.62 -8.76 1.41
C ALA B 245 7.82 -7.85 1.67
N GLU B 246 7.56 -6.55 1.73
CA GLU B 246 8.60 -5.53 1.98
C GLU B 246 8.21 -4.70 3.23
N GLY B 247 9.16 -4.54 4.11
CA GLY B 247 9.09 -3.68 5.27
C GLY B 247 10.22 -2.66 5.24
N TRP B 248 9.85 -1.41 5.55
CA TRP B 248 10.82 -0.29 5.61
C TRP B 248 10.98 0.08 7.07
N PHE B 249 12.23 -0.03 7.54
CA PHE B 249 12.52 0.25 8.92
C PHE B 249 13.43 1.47 9.11
N ASN B 250 13.08 2.30 10.09
CA ASN B 250 13.81 3.51 10.45
C ASN B 250 14.55 3.14 11.73
N ILE B 251 15.87 3.02 11.61
CA ILE B 251 16.74 2.70 12.72
C ILE B 251 17.44 3.99 13.15
N ARG B 252 17.47 4.22 14.46
CA ARG B 252 18.20 5.34 15.02
C ARG B 252 19.37 4.77 15.79
N VAL B 253 20.55 5.41 15.63
CA VAL B 253 21.81 4.97 16.20
C VAL B 253 22.43 6.04 17.07
N THR B 254 23.05 5.60 18.17
CA THR B 254 23.86 6.47 18.97
C THR B 254 25.27 6.50 18.38
N GLU B 255 26.12 7.31 18.98
CA GLU B 255 27.50 7.39 18.45
CA GLU B 255 27.51 7.43 18.59
C GLU B 255 28.26 6.06 18.66
N HIS B 256 27.74 5.16 19.50
CA HIS B 256 28.37 3.90 19.79
C HIS B 256 27.94 2.73 18.99
N ASP B 257 26.89 2.92 18.17
CA ASP B 257 26.38 1.90 17.27
C ASP B 257 26.95 2.12 15.88
N ASP B 258 28.09 1.50 15.60
CA ASP B 258 28.69 1.63 14.28
C ASP B 258 27.68 1.16 13.22
N PRO B 259 27.30 2.03 12.27
CA PRO B 259 26.33 1.57 11.25
C PRO B 259 26.75 0.37 10.39
N GLY B 260 27.99 0.33 9.91
CA GLY B 260 28.42 -0.80 9.12
C GLY B 260 28.31 -2.12 9.86
N ALA B 261 28.80 -2.14 11.11
CA ALA B 261 28.71 -3.36 11.97
C ALA B 261 27.27 -3.77 12.21
N LEU B 262 26.42 -2.78 12.48
CA LEU B 262 25.01 -3.05 12.77
C LEU B 262 24.33 -3.62 11.51
N ILE B 263 24.61 -3.04 10.36
CA ILE B 263 24.09 -3.53 9.08
C ILE B 263 24.50 -4.99 8.86
N ASP B 264 25.76 -5.32 9.08
CA ASP B 264 26.23 -6.69 8.97
CA ASP B 264 26.24 -6.69 8.98
C ASP B 264 25.49 -7.62 9.93
N LYS B 265 25.33 -7.18 11.16
CA LYS B 265 24.64 -8.03 12.16
C LYS B 265 23.18 -8.25 11.79
N ILE B 266 22.52 -7.23 11.26
CA ILE B 266 21.12 -7.33 10.85
C ILE B 266 21.02 -8.38 9.74
N ARG B 267 21.91 -8.27 8.78
CA ARG B 267 21.91 -9.21 7.65
C ARG B 267 22.14 -10.65 8.09
N LYS B 268 22.92 -10.82 9.15
CA LYS B 268 23.13 -12.17 9.73
C LYS B 268 21.97 -12.70 10.57
N THR B 269 21.10 -11.80 11.00
CA THR B 269 20.01 -12.09 11.92
C THR B 269 18.70 -12.41 11.21
N VAL B 270 18.46 -11.76 10.07
CA VAL B 270 17.22 -11.94 9.34
C VAL B 270 17.45 -12.83 8.10
N SER B 271 16.40 -13.52 7.69
CA SER B 271 16.42 -14.36 6.51
C SER B 271 16.18 -13.61 5.19
N GLY B 272 15.38 -12.56 5.23
CA GLY B 272 15.16 -11.75 4.05
C GLY B 272 16.37 -10.92 3.65
N THR B 273 16.25 -10.24 2.53
CA THR B 273 17.37 -9.45 2.04
C THR B 273 17.16 -8.04 2.57
N VAL B 274 18.28 -7.41 2.89
CA VAL B 274 18.30 -6.08 3.50
C VAL B 274 18.98 -5.11 2.53
N SER B 275 18.24 -4.10 2.13
CA SER B 275 18.83 -3.02 1.34
CA SER B 275 18.72 -3.00 1.30
C SER B 275 18.82 -1.75 2.16
N ILE B 276 19.90 -0.99 1.99
CA ILE B 276 20.03 0.27 2.67
C ILE B 276 19.52 1.40 1.80
N VAL B 277 18.51 2.10 2.30
CA VAL B 277 17.87 3.20 1.55
C VAL B 277 18.71 4.48 1.72
N ARG B 278 19.10 4.80 2.96
CA ARG B 278 19.89 5.98 3.24
C ARG B 278 20.49 5.87 4.63
N THR B 279 21.57 6.61 4.82
CA THR B 279 22.12 6.81 6.17
C THR B 279 22.19 8.32 6.46
N VAL B 280 22.02 8.65 7.73
CA VAL B 280 22.31 10.00 8.26
C VAL B 280 23.27 9.81 9.42
N PRO B 281 24.44 10.48 9.40
CA PRO B 281 25.40 10.28 10.50
C PRO B 281 24.95 10.83 11.80
N VAL B 282 25.36 10.22 12.91
CA VAL B 282 25.25 10.89 14.19
C VAL B 282 25.89 12.27 14.13
N PHE B 283 25.24 13.25 14.74
CA PHE B 283 25.84 14.59 14.86
C PHE B 283 26.69 14.58 16.12
N LEU B 284 27.96 14.97 15.98
CA LEU B 284 28.83 15.19 17.13
C LEU B 284 29.48 16.56 16.92
N ALA B 285 29.11 17.55 17.74
CA ALA B 285 29.65 18.89 17.62
C ALA B 285 31.15 18.85 17.85
N ALA B 286 31.90 19.57 17.01
CA ALA B 286 33.34 19.79 17.22
C ALA B 286 33.61 20.69 18.44
N ASP B 287 34.64 20.39 19.19
CA ASP B 287 35.15 21.26 20.27
C ASP B 287 35.40 22.62 19.69
N SER B 288 34.98 23.66 20.41
CA SER B 288 35.08 25.01 19.88
C SER B 288 35.06 26.03 21.01
N PRO B 289 35.95 27.02 20.95
CA PRO B 289 35.89 28.11 21.94
C PRO B 289 34.58 28.89 21.80
N TYR B 290 33.93 28.86 20.63
CA TYR B 290 32.64 29.52 20.45
C TYR B 290 31.57 28.81 21.25
N THR B 291 31.63 27.49 21.30
CA THR B 291 30.70 26.74 22.16
C THR B 291 30.95 27.05 23.62
N GLU B 292 32.21 27.10 24.02
CA GLU B 292 32.49 27.36 25.43
C GLU B 292 31.96 28.75 25.78
N ARG B 293 32.13 29.71 24.87
CA ARG B 293 31.66 31.08 25.09
C ARG B 293 30.10 31.14 25.14
N LEU B 294 29.46 30.47 24.21
CA LEU B 294 27.98 30.35 24.26
C LEU B 294 27.48 29.76 25.60
N LEU B 295 28.10 28.69 26.08
CA LEU B 295 27.70 28.12 27.36
C LEU B 295 27.88 29.13 28.50
N ALA B 296 29.00 29.87 28.47
CA ALA B 296 29.31 30.90 29.51
C ALA B 296 28.29 32.01 29.47
N LEU B 297 27.89 32.38 28.27
CA LEU B 297 26.98 33.52 28.09
C LEU B 297 25.54 33.17 28.46
N SER B 298 25.18 31.93 28.21
CA SER B 298 23.79 31.48 28.35
C SER B 298 23.50 30.78 29.68
N GLY B 299 24.51 30.15 30.25
CA GLY B 299 24.36 29.28 31.41
C GLY B 299 23.82 27.88 31.07
N ALA B 300 23.59 27.61 29.79
CA ALA B 300 23.21 26.25 29.33
C ALA B 300 24.36 25.24 29.57
N THR B 301 23.99 23.95 29.53
CA THR B 301 24.97 22.87 29.50
C THR B 301 24.76 22.06 28.24
N ALA B 302 25.78 21.29 27.89
CA ALA B 302 25.73 20.43 26.68
C ALA B 302 24.78 19.27 26.94
N GLY B 303 23.99 18.94 25.91
CA GLY B 303 23.05 17.83 25.97
C GLY B 303 22.95 17.11 24.64
N LYS B 304 22.06 16.13 24.63
CA LYS B 304 21.88 15.22 23.48
C LYS B 304 20.41 15.13 23.12
N ALA B 305 20.12 14.88 21.84
CA ALA B 305 18.76 14.83 21.31
C ALA B 305 18.56 13.58 20.44
N HIS B 306 17.31 13.07 20.44
CA HIS B 306 16.98 11.91 19.68
C HIS B 306 16.91 12.14 18.19
N GLY B 307 16.38 13.29 17.80
CA GLY B 307 16.16 13.63 16.38
C GLY B 307 17.36 14.26 15.69
N ALA B 308 17.53 13.92 14.42
CA ALA B 308 18.53 14.55 13.56
C ALA B 308 18.00 15.89 13.04
N SER B 309 18.93 16.72 12.59
CA SER B 309 18.57 18.03 12.12
C SER B 309 19.48 18.41 10.96
N ASP B 310 19.41 19.66 10.52
CA ASP B 310 20.28 20.11 9.46
C ASP B 310 21.73 20.28 9.95
N ALA B 311 21.94 20.11 11.26
CA ALA B 311 23.28 20.14 11.83
C ALA B 311 24.16 19.02 11.21
N ARG B 312 23.52 18.00 10.65
CA ARG B 312 24.21 16.91 9.98
CA ARG B 312 24.28 16.92 10.03
C ARG B 312 25.05 17.39 8.79
N TYR B 313 24.74 18.58 8.24
CA TYR B 313 25.50 19.10 7.10
C TYR B 313 26.71 19.98 7.46
N LEU B 314 26.92 20.24 8.75
CA LEU B 314 28.02 21.13 9.16
C LEU B 314 29.37 20.49 8.85
N GLY B 315 29.57 19.27 9.34
CA GLY B 315 30.83 18.55 9.11
C GLY B 315 31.25 18.36 7.67
N GLU B 316 30.34 18.04 6.77
CA GLU B 316 30.75 17.88 5.37
C GLU B 316 31.17 19.15 4.73
N ASN B 317 30.83 20.29 5.36
CA ASN B 317 31.24 21.58 4.88
C ASN B 317 32.36 22.20 5.69
N GLY B 318 32.95 21.43 6.60
CA GLY B 318 34.02 21.93 7.47
C GLY B 318 33.56 23.06 8.40
N LEU B 319 32.29 23.09 8.74
CA LEU B 319 31.77 24.12 9.62
C LEU B 319 31.63 23.55 11.03
N THR B 320 31.74 24.45 11.99
CA THR B 320 31.56 24.11 13.40
CA THR B 320 31.61 24.17 13.43
C THR B 320 30.28 24.73 13.90
N GLY B 321 29.56 24.02 14.77
CA GLY B 321 28.34 24.55 15.30
C GLY B 321 27.63 23.59 16.23
N VAL B 322 26.48 24.04 16.70
CA VAL B 322 25.67 23.32 17.67
C VAL B 322 24.21 23.49 17.33
N VAL B 323 23.38 22.75 18.05
CA VAL B 323 21.94 22.89 17.97
C VAL B 323 21.45 23.57 19.22
N TRP B 324 20.50 24.53 19.11
CA TRP B 324 19.98 25.17 20.30
C TRP B 324 18.57 25.67 20.01
N GLY B 325 17.88 26.18 21.04
CA GLY B 325 16.52 26.61 20.87
C GLY B 325 15.82 27.09 22.08
N ALA B 326 14.66 27.70 21.84
CA ALA B 326 13.85 28.23 22.93
C ALA B 326 13.04 27.10 23.57
N GLU B 327 12.19 27.47 24.52
CA GLU B 327 11.41 26.49 25.27
C GLU B 327 10.06 26.17 24.62
N GLY B 328 9.93 24.90 24.22
CA GLY B 328 8.72 24.37 23.63
C GLY B 328 8.09 23.25 24.44
N PHE B 329 8.62 22.98 25.65
CA PHE B 329 8.10 21.94 26.58
C PHE B 329 7.89 20.57 25.92
N ASN B 330 8.77 20.25 24.98
CA ASN B 330 8.71 19.00 24.22
C ASN B 330 7.40 18.79 23.43
N THR B 331 6.75 19.87 23.01
CA THR B 331 5.46 19.76 22.31
C THR B 331 5.58 19.76 20.77
N LEU B 332 6.83 19.71 20.27
CA LEU B 332 7.03 19.67 18.81
C LEU B 332 6.27 18.46 18.23
N HIS B 333 5.81 18.64 17.00
CA HIS B 333 5.20 17.56 16.20
C HIS B 333 3.88 17.09 16.82
N SER B 334 3.26 17.92 17.65
CA SER B 334 2.02 17.54 18.34
C SER B 334 0.93 18.61 18.22
N ARG B 335 -0.32 18.26 18.56
CA ARG B 335 -1.41 19.26 18.55
C ARG B 335 -1.21 20.36 19.57
N ASP B 336 -0.45 20.06 20.62
CA ASP B 336 -0.20 20.97 21.71
C ASP B 336 1.02 21.86 21.45
N GLU B 337 1.53 21.89 20.21
CA GLU B 337 2.76 22.62 19.94
C GLU B 337 2.66 24.07 20.40
N CYS B 338 3.62 24.46 21.24
CA CYS B 338 3.67 25.82 21.73
C CYS B 338 5.09 26.26 22.03
N LEU B 339 5.20 27.59 22.21
CA LEU B 339 6.39 28.28 22.57
C LEU B 339 6.15 29.00 23.89
N HIS B 340 7.10 28.87 24.79
CA HIS B 340 7.11 29.69 26.01
C HIS B 340 7.68 31.07 25.66
N ILE B 341 6.82 32.08 25.59
CA ILE B 341 7.22 33.41 25.04
C ILE B 341 8.43 34.01 25.78
N PRO B 342 8.40 34.00 27.14
CA PRO B 342 9.53 34.63 27.84
C PRO B 342 10.88 34.01 27.50
N SER B 343 10.89 32.76 27.06
CA SER B 343 12.16 32.11 26.75
C SER B 343 12.88 32.70 25.53
N LEU B 344 12.20 33.49 24.69
CA LEU B 344 12.82 34.12 23.58
C LEU B 344 14.05 34.94 24.05
N GLN B 345 13.91 35.66 25.16
CA GLN B 345 15.02 36.53 25.63
C GLN B 345 16.27 35.71 25.99
N SER B 346 16.03 34.52 26.55
CA SER B 346 17.11 33.59 26.92
CA SER B 346 17.16 33.70 26.95
C SER B 346 18.01 33.18 25.74
N ILE B 347 17.44 33.19 24.53
CA ILE B 347 18.15 32.88 23.27
C ILE B 347 18.71 34.17 22.67
N TYR B 348 17.88 35.23 22.59
CA TYR B 348 18.30 36.50 21.98
C TYR B 348 19.55 37.06 22.65
N ASP B 349 19.50 37.17 23.98
CA ASP B 349 20.58 37.84 24.70
C ASP B 349 21.98 37.24 24.44
N PRO B 350 22.16 35.90 24.67
CA PRO B 350 23.52 35.34 24.43
C PRO B 350 23.94 35.32 22.97
N LEU B 351 23.03 35.07 22.06
CA LEU B 351 23.38 35.07 20.64
C LEU B 351 23.79 36.45 20.16
N GLN B 353 25.05 38.91 22.10
CA GLN B 353 26.35 39.23 22.66
C GLN B 353 27.53 38.50 21.93
N LEU B 354 27.32 37.22 21.66
CA LEU B 354 28.25 36.43 20.86
C LEU B 354 28.50 37.13 19.50
N ALA B 355 27.44 37.49 18.78
CA ALA B 355 27.58 38.14 17.46
C ALA B 355 28.37 39.44 17.59
N ARG B 356 28.05 40.24 18.60
CA ARG B 356 28.75 41.50 18.80
C ARG B 356 30.23 41.29 19.12
N GLU B 357 30.55 40.26 19.92
CA GLU B 357 31.93 39.94 20.23
C GLU B 357 32.73 39.50 18.99
N GLU B 359 32.17 40.79 15.93
CA GLU B 359 32.34 41.93 15.02
C GLU B 359 33.74 42.56 15.10
N GLU B 360 34.12 43.23 14.01
CA GLU B 360 35.41 43.94 13.88
C GLU B 360 35.31 45.44 14.10
#